data_3JTK
#
_entry.id   3JTK
#
_cell.length_a   58.247
_cell.length_b   79.023
_cell.length_c   178.381
_cell.angle_alpha   90.00
_cell.angle_beta   90.00
_cell.angle_gamma   90.00
#
_symmetry.space_group_name_H-M   'P 2 21 21'
#
loop_
_entity.id
_entity.type
_entity.pdbx_description
1 polymer 'Glycylpeptide N-tetradecanoyltransferase 1'
2 non-polymer TETRADECANOYL-COA
3 non-polymer (2R)-3-benzyl-2-(2-bromo-4-hydroxy-5-methoxyphenyl)-1,3-thiazolidin-4-one
4 water water
#
_entity_poly.entity_id   1
_entity_poly.type   'polypeptide(L)'
_entity_poly.pdbx_seq_one_letter_code
;GRSYQFWDTQPVPKLGEVVNTHGPVEPDKDNIRQEPYTLPQGFTWDALDLGDRGVLKELYTLLNENYVEDDDNMFRFDYS
PEFLLWALRPPGWLPQWHCGVRVVSSRKLVGFISAIPANIHIYDTEKKMVEINFLCVHKKLRSKRVAPVLIREITRRVHL
EGIFQAVYTAGVVLPKPVGTCRYWHRSLNPRKLIEVKFSHLSRNMTMQRTMKLYRLPETPKTAGLRPMETKDIPVVHQLL
TRYLKQFHLTPVMSQEEVEHWFYPQENIIDTFVVENANGEVTDFLSFYTLPSTIMNHPTHKSLKAAYSFYNVHTQTPLLD
LMSDALVLAKMKGFDVFNALDLMENKTFLEKLKFGIGDGNLQYYLYNWKCPSMGAEKVGLVLQ
;
_entity_poly.pdbx_strand_id   A,B
#
# COMPACT_ATOMS: atom_id res chain seq x y z
N ARG A 2 -37.36 2.49 -2.66
CA ARG A 2 -37.94 3.82 -3.02
C ARG A 2 -36.83 4.87 -3.02
N SER A 3 -36.46 5.33 -1.83
CA SER A 3 -35.37 6.28 -1.67
C SER A 3 -34.41 5.81 -0.57
N TYR A 4 -33.19 6.36 -0.57
CA TYR A 4 -32.16 5.95 0.37
C TYR A 4 -31.58 7.16 1.09
N GLN A 5 -32.06 7.41 2.31
CA GLN A 5 -31.65 8.58 3.08
C GLN A 5 -30.13 8.75 3.14
N PHE A 6 -29.42 7.64 3.32
CA PHE A 6 -27.95 7.67 3.33
C PHE A 6 -27.35 7.49 1.93
N TRP A 7 -27.74 6.42 1.24
CA TRP A 7 -27.09 6.10 -0.03
C TRP A 7 -27.27 7.12 -1.16
N ASP A 8 -28.36 7.90 -1.10
CA ASP A 8 -28.59 8.99 -2.05
C ASP A 8 -27.55 10.11 -1.92
N THR A 9 -26.86 10.17 -0.78
CA THR A 9 -25.83 11.19 -0.52
C THR A 9 -24.44 10.76 -0.97
N GLN A 10 -24.32 9.49 -1.35
CA GLN A 10 -23.02 8.87 -1.65
C GLN A 10 -22.68 8.84 -3.15
N PRO A 11 -21.36 8.82 -3.48
CA PRO A 11 -20.90 8.72 -4.86
C PRO A 11 -21.07 7.32 -5.44
N VAL A 12 -22.32 6.91 -5.60
CA VAL A 12 -22.68 5.65 -6.24
C VAL A 12 -23.77 5.94 -7.27
N PRO A 13 -23.90 5.08 -8.32
CA PRO A 13 -24.97 5.30 -9.28
C PRO A 13 -26.34 5.05 -8.67
N LYS A 14 -27.37 5.67 -9.24
CA LYS A 14 -28.75 5.44 -8.80
C LYS A 14 -29.22 4.08 -9.30
N LEU A 15 -30.11 3.45 -8.54
CA LEU A 15 -30.75 2.21 -8.98
C LEU A 15 -31.61 2.48 -10.20
N GLY A 16 -31.59 1.55 -11.16
CA GLY A 16 -32.42 1.64 -12.35
C GLY A 16 -31.77 2.29 -13.54
N GLU A 17 -30.81 3.20 -13.29
CA GLU A 17 -30.11 3.89 -14.37
C GLU A 17 -29.14 2.96 -15.10
N VAL A 18 -29.07 3.11 -16.42
CA VAL A 18 -28.14 2.32 -17.23
C VAL A 18 -26.85 3.13 -17.39
N VAL A 19 -25.72 2.47 -17.14
CA VAL A 19 -24.41 3.12 -17.26
C VAL A 19 -23.72 2.67 -18.55
N ASN A 20 -23.30 3.66 -19.34
CA ASN A 20 -22.59 3.40 -20.60
C ASN A 20 -21.15 3.93 -20.58
N THR A 21 -20.68 4.33 -19.40
CA THR A 21 -19.35 4.92 -19.23
C THR A 21 -18.54 4.18 -18.17
N HIS A 22 -17.26 4.50 -18.09
CA HIS A 22 -16.33 3.88 -17.14
C HIS A 22 -15.50 4.95 -16.46
N GLY A 23 -15.65 5.09 -15.15
CA GLY A 23 -14.86 6.05 -14.38
C GLY A 23 -15.45 6.40 -13.02
N PRO A 24 -14.76 7.26 -12.25
CA PRO A 24 -15.22 7.65 -10.92
C PRO A 24 -16.50 8.48 -10.96
N VAL A 25 -17.34 8.34 -9.93
CA VAL A 25 -18.54 9.16 -9.80
C VAL A 25 -18.15 10.60 -9.46
N GLU A 26 -17.14 10.76 -8.60
CA GLU A 26 -16.58 12.05 -8.24
C GLU A 26 -15.05 12.01 -8.25
N PRO A 27 -14.38 13.16 -8.43
CA PRO A 27 -12.92 13.16 -8.47
C PRO A 27 -12.31 12.91 -7.09
N ASP A 28 -11.03 12.59 -7.06
CA ASP A 28 -10.28 12.42 -5.81
C ASP A 28 -10.37 13.73 -5.02
N LYS A 29 -10.55 13.60 -3.70
CA LYS A 29 -10.59 14.78 -2.82
C LYS A 29 -9.18 15.26 -2.53
N ASP A 30 -9.00 16.56 -2.54
CA ASP A 30 -7.68 17.20 -2.28
C ASP A 30 -7.49 17.59 -0.78
N ASN A 31 -8.58 17.67 -0.05
CA ASN A 31 -8.40 17.71 1.35
CA ASN A 31 -8.59 18.00 1.35
C ASN A 31 -9.50 16.95 1.98
N ILE A 32 -9.09 16.37 3.08
CA ILE A 32 -9.91 15.40 3.78
C ILE A 32 -10.17 15.89 5.21
N ARG A 33 -11.41 15.74 5.64
CA ARG A 33 -11.84 15.99 7.02
C ARG A 33 -10.88 15.33 8.01
N GLN A 34 -10.33 16.11 8.92
CA GLN A 34 -9.33 15.60 9.88
C GLN A 34 -9.95 14.97 11.12
N GLU A 35 -11.16 15.41 11.44
CA GLU A 35 -11.83 14.98 12.67
C GLU A 35 -12.75 13.81 12.39
N PRO A 36 -12.78 12.82 13.30
CA PRO A 36 -13.73 11.72 13.16
C PRO A 36 -15.16 12.24 13.21
N TYR A 37 -16.04 11.52 12.53
CA TYR A 37 -17.46 11.84 12.59
C TYR A 37 -17.98 11.56 13.99
N THR A 38 -18.95 12.36 14.42
CA THR A 38 -19.52 12.25 15.75
C THR A 38 -20.44 11.04 15.86
N LEU A 39 -20.25 10.27 16.91
CA LEU A 39 -21.15 9.17 17.26
C LEU A 39 -22.22 9.68 18.23
N PRO A 40 -23.35 8.95 18.37
CA PRO A 40 -24.31 9.32 19.41
C PRO A 40 -23.68 9.36 20.80
N GLN A 41 -24.21 10.22 21.67
CA GLN A 41 -23.73 10.38 23.02
CA GLN A 41 -23.68 10.39 22.97
CA GLN A 41 -23.73 10.40 23.04
C GLN A 41 -23.62 9.05 23.75
N GLY A 42 -22.53 8.83 24.42
CA GLY A 42 -22.29 7.61 25.18
C GLY A 42 -21.50 6.55 24.43
N PHE A 43 -21.17 6.85 23.17
CA PHE A 43 -20.33 5.95 22.36
C PHE A 43 -19.07 6.65 21.89
N THR A 44 -18.03 5.85 21.67
CA THR A 44 -16.71 6.36 21.29
C THR A 44 -16.02 5.46 20.27
N TRP A 45 -15.20 6.06 19.43
CA TRP A 45 -14.36 5.29 18.50
C TRP A 45 -13.24 4.58 19.25
N ASP A 46 -12.87 3.40 18.76
CA ASP A 46 -11.69 2.70 19.25
C ASP A 46 -11.16 1.81 18.16
N ALA A 47 -9.94 2.08 17.69
CA ALA A 47 -9.29 1.23 16.72
C ALA A 47 -8.88 -0.05 17.44
N LEU A 48 -9.26 -1.19 16.89
CA LEU A 48 -9.03 -2.46 17.57
C LEU A 48 -7.71 -3.10 17.19
N ASP A 49 -6.84 -3.31 18.18
CA ASP A 49 -5.60 -4.03 17.97
C ASP A 49 -5.89 -5.52 18.02
N LEU A 50 -6.04 -6.13 16.85
CA LEU A 50 -6.41 -7.53 16.77
C LEU A 50 -5.27 -8.47 17.17
N GLY A 51 -4.07 -7.90 17.31
CA GLY A 51 -2.92 -8.64 17.82
C GLY A 51 -3.01 -8.87 19.33
N ASP A 52 -3.89 -8.11 19.98
CA ASP A 52 -4.19 -8.31 21.39
C ASP A 52 -5.27 -9.39 21.50
N ARG A 53 -5.00 -10.41 22.26
CA ARG A 53 -5.88 -11.54 22.28
C ARG A 53 -7.22 -11.21 22.85
N GLY A 54 -7.24 -10.42 23.90
CA GLY A 54 -8.48 -9.99 24.53
C GLY A 54 -9.37 -9.20 23.61
N VAL A 55 -8.75 -8.28 22.86
CA VAL A 55 -9.49 -7.43 21.91
C VAL A 55 -10.04 -8.24 20.74
N LEU A 56 -9.23 -9.14 20.20
CA LEU A 56 -9.70 -10.01 19.12
C LEU A 56 -10.90 -10.83 19.57
N LYS A 57 -10.85 -11.30 20.82
CA LYS A 57 -11.97 -12.06 21.38
C LYS A 57 -13.22 -11.18 21.54
N GLU A 58 -13.03 -9.91 21.88
CA GLU A 58 -14.17 -8.99 21.96
C GLU A 58 -14.83 -8.85 20.59
N LEU A 59 -14.00 -8.79 19.55
CA LEU A 59 -14.54 -8.70 18.18
C LEU A 59 -15.23 -10.00 17.80
N TYR A 60 -14.59 -11.13 18.11
CA TYR A 60 -15.22 -12.44 17.90
C TYR A 60 -16.62 -12.48 18.50
N THR A 61 -16.72 -12.05 19.77
CA THR A 61 -18.00 -12.05 20.48
C THR A 61 -19.03 -11.12 19.85
N LEU A 62 -18.62 -9.89 19.48
CA LEU A 62 -19.53 -8.99 18.78
C LEU A 62 -20.15 -9.64 17.54
N LEU A 63 -19.30 -10.22 16.70
CA LEU A 63 -19.76 -10.80 15.44
C LEU A 63 -20.54 -12.10 15.68
N ASN A 64 -20.04 -12.92 16.60
CA ASN A 64 -20.72 -14.16 16.95
C ASN A 64 -22.17 -13.94 17.39
N GLU A 65 -22.40 -12.81 18.06
CA GLU A 65 -23.73 -12.51 18.60
C GLU A 65 -24.58 -11.58 17.73
N ASN A 66 -23.92 -10.82 16.85
CA ASN A 66 -24.60 -9.73 16.14
C ASN A 66 -24.37 -9.66 14.63
N TYR A 67 -23.62 -10.59 14.06
CA TYR A 67 -23.33 -10.50 12.62
C TYR A 67 -24.44 -11.12 11.76
N VAL A 68 -24.12 -11.39 10.49
CA VAL A 68 -25.13 -11.72 9.49
C VAL A 68 -25.92 -12.99 9.84
N GLU A 69 -27.23 -12.85 9.81
CA GLU A 69 -28.16 -13.96 9.99
C GLU A 69 -28.91 -14.19 8.69
N ASP A 70 -29.44 -15.39 8.50
CA ASP A 70 -30.33 -15.64 7.37
C ASP A 70 -31.64 -14.90 7.64
N ASP A 71 -32.51 -14.83 6.63
CA ASP A 71 -33.75 -14.07 6.76
C ASP A 71 -34.73 -14.64 7.79
N ASP A 72 -34.56 -15.91 8.14
CA ASP A 72 -35.43 -16.56 9.12
C ASP A 72 -34.84 -16.62 10.52
N ASN A 73 -33.68 -15.98 10.71
CA ASN A 73 -33.06 -15.98 12.00
C ASN A 73 -32.84 -17.35 12.58
N MET A 74 -32.28 -18.24 11.79
CA MET A 74 -32.00 -19.61 12.20
C MET A 74 -30.51 -19.88 12.29
N PHE A 75 -29.73 -19.18 11.46
CA PHE A 75 -28.28 -19.36 11.40
C PHE A 75 -27.58 -18.01 11.44
N ARG A 76 -26.44 -17.96 12.11
CA ARG A 76 -25.61 -16.75 12.13
C ARG A 76 -24.16 -17.12 11.88
N PHE A 77 -23.45 -16.31 11.08
CA PHE A 77 -22.02 -16.58 10.85
C PHE A 77 -21.27 -16.61 12.16
N ASP A 78 -20.30 -17.52 12.25
CA ASP A 78 -19.47 -17.67 13.42
C ASP A 78 -18.00 -17.66 13.01
N TYR A 79 -17.54 -16.50 12.56
CA TYR A 79 -16.14 -16.33 12.17
C TYR A 79 -15.24 -16.59 13.38
N SER A 80 -14.26 -17.46 13.24
CA SER A 80 -13.34 -17.74 14.33
C SER A 80 -12.35 -16.58 14.52
N PRO A 81 -11.77 -16.46 15.73
CA PRO A 81 -10.76 -15.42 15.95
C PRO A 81 -9.60 -15.53 14.97
N GLU A 82 -9.12 -16.75 14.71
CA GLU A 82 -7.98 -16.90 13.81
C GLU A 82 -8.35 -16.63 12.35
N PHE A 83 -9.59 -16.93 11.97
CA PHE A 83 -10.09 -16.55 10.65
C PHE A 83 -10.12 -15.03 10.53
N LEU A 84 -10.63 -14.36 11.57
CA LEU A 84 -10.68 -12.91 11.58
C LEU A 84 -9.28 -12.31 11.40
N LEU A 85 -8.29 -12.90 12.03
CA LEU A 85 -6.95 -12.42 11.87
C LEU A 85 -6.46 -12.59 10.43
N TRP A 86 -6.78 -13.71 9.83
CA TRP A 86 -6.48 -13.96 8.41
C TRP A 86 -7.17 -12.95 7.50
N ALA A 87 -8.45 -12.68 7.77
CA ALA A 87 -9.24 -11.82 6.90
C ALA A 87 -8.86 -10.36 7.03
N LEU A 88 -8.38 -9.98 8.21
CA LEU A 88 -8.24 -8.56 8.56
C LEU A 88 -6.81 -8.06 8.60
N ARG A 89 -5.85 -8.99 8.53
CA ARG A 89 -4.44 -8.61 8.49
C ARG A 89 -3.70 -9.17 7.28
N PRO A 90 -4.25 -8.97 6.05
CA PRO A 90 -3.51 -9.31 4.84
C PRO A 90 -2.42 -8.27 4.60
N PRO A 91 -1.54 -8.49 3.61
CA PRO A 91 -0.50 -7.51 3.35
C PRO A 91 -1.08 -6.12 3.14
N GLY A 92 -0.50 -5.14 3.85
CA GLY A 92 -0.91 -3.75 3.70
C GLY A 92 -1.99 -3.31 4.66
N TRP A 93 -2.42 -4.21 5.54
CA TRP A 93 -3.44 -3.88 6.53
C TRP A 93 -2.98 -2.71 7.38
N LEU A 94 -3.94 -1.91 7.81
CA LEU A 94 -3.68 -0.72 8.61
C LEU A 94 -4.53 -0.74 9.87
N PRO A 95 -3.93 -0.37 11.01
CA PRO A 95 -4.65 -0.43 12.28
C PRO A 95 -5.88 0.48 12.33
N GLN A 96 -5.81 1.66 11.72
CA GLN A 96 -6.91 2.62 11.77
C GLN A 96 -8.10 2.12 10.95
N TRP A 97 -7.87 1.07 10.16
CA TRP A 97 -8.93 0.50 9.32
C TRP A 97 -9.69 -0.65 10.00
N HIS A 98 -9.35 -0.92 11.26
CA HIS A 98 -10.11 -1.84 12.12
C HIS A 98 -10.89 -1.00 13.11
N CYS A 99 -12.05 -0.54 12.65
CA CYS A 99 -12.74 0.59 13.26
C CYS A 99 -13.86 0.14 14.19
N GLY A 100 -13.61 0.21 15.50
CA GLY A 100 -14.61 -0.21 16.48
C GLY A 100 -15.37 0.93 17.13
N VAL A 101 -16.53 0.61 17.68
CA VAL A 101 -17.35 1.54 18.47
C VAL A 101 -17.57 0.91 19.84
N ARG A 102 -17.22 1.65 20.90
CA ARG A 102 -17.44 1.18 22.26
C ARG A 102 -18.41 2.06 23.05
N VAL A 103 -19.11 1.44 23.99
CA VAL A 103 -19.89 2.17 24.99
C VAL A 103 -18.90 2.86 25.93
N VAL A 104 -19.06 4.17 26.12
CA VAL A 104 -18.10 4.97 26.90
C VAL A 104 -17.94 4.43 28.33
N SER A 105 -19.06 4.13 28.97
CA SER A 105 -19.07 3.74 30.40
C SER A 105 -18.55 2.33 30.66
N SER A 106 -19.07 1.35 29.93
CA SER A 106 -18.76 -0.05 30.17
C SER A 106 -17.59 -0.57 29.32
N ARG A 107 -17.25 0.20 28.28
CA ARG A 107 -16.23 -0.18 27.28
C ARG A 107 -16.67 -1.32 26.36
N LYS A 108 -17.94 -1.73 26.46
CA LYS A 108 -18.46 -2.83 25.65
C LYS A 108 -18.36 -2.50 24.15
N LEU A 109 -17.84 -3.44 23.37
CA LEU A 109 -17.76 -3.28 21.92
C LEU A 109 -19.14 -3.50 21.32
N VAL A 110 -19.63 -2.48 20.62
CA VAL A 110 -21.00 -2.50 20.10
C VAL A 110 -21.09 -2.20 18.61
N GLY A 111 -19.96 -1.92 17.98
CA GLY A 111 -19.94 -1.67 16.55
C GLY A 111 -18.58 -1.91 15.94
N PHE A 112 -18.56 -2.22 14.64
CA PHE A 112 -17.31 -2.46 13.92
C PHE A 112 -17.51 -2.25 12.42
N ILE A 113 -16.43 -1.85 11.76
CA ILE A 113 -16.35 -1.92 10.30
C ILE A 113 -14.87 -2.01 9.96
N SER A 114 -14.55 -2.62 8.82
CA SER A 114 -13.16 -2.81 8.46
C SER A 114 -12.90 -2.48 6.99
N ALA A 115 -11.67 -2.04 6.72
CA ALA A 115 -11.19 -1.93 5.37
C ALA A 115 -9.86 -2.67 5.28
N ILE A 116 -9.62 -3.34 4.16
CA ILE A 116 -8.31 -3.89 3.85
C ILE A 116 -7.96 -3.45 2.43
N PRO A 117 -6.67 -3.25 2.16
CA PRO A 117 -6.32 -2.81 0.80
C PRO A 117 -6.46 -3.94 -0.21
N ALA A 118 -6.87 -3.59 -1.43
CA ALA A 118 -6.90 -4.55 -2.53
C ALA A 118 -6.73 -3.81 -3.84
N ASN A 119 -5.87 -4.35 -4.70
CA ASN A 119 -5.84 -3.90 -6.08
C ASN A 119 -6.92 -4.63 -6.86
N ILE A 120 -7.76 -3.86 -7.55
CA ILE A 120 -8.95 -4.39 -8.19
C ILE A 120 -8.94 -4.07 -9.67
N HIS A 121 -9.14 -5.09 -10.50
CA HIS A 121 -9.25 -4.88 -11.94
C HIS A 121 -10.74 -4.86 -12.27
N ILE A 122 -11.17 -3.72 -12.79
CA ILE A 122 -12.56 -3.52 -13.19
C ILE A 122 -12.60 -3.11 -14.66
N TYR A 123 -13.12 -4.01 -15.49
CA TYR A 123 -13.04 -3.89 -16.95
C TYR A 123 -11.60 -3.55 -17.33
N ASP A 124 -11.39 -2.48 -18.07
CA ASP A 124 -10.05 -2.12 -18.55
C ASP A 124 -9.20 -1.25 -17.63
N THR A 125 -9.61 -1.15 -16.36
CA THR A 125 -8.90 -0.31 -15.41
C THR A 125 -8.51 -1.11 -14.16
N GLU A 126 -7.28 -0.89 -13.70
CA GLU A 126 -6.88 -1.38 -12.39
C GLU A 126 -6.82 -0.19 -11.43
N LYS A 127 -7.43 -0.37 -10.27
CA LYS A 127 -7.46 0.69 -9.26
C LYS A 127 -7.05 0.13 -7.91
N LYS A 128 -6.31 0.92 -7.14
CA LYS A 128 -6.07 0.62 -5.73
C LYS A 128 -7.38 0.93 -4.99
N MET A 129 -7.90 -0.07 -4.29
CA MET A 129 -9.16 0.09 -3.59
C MET A 129 -9.00 -0.43 -2.18
N VAL A 130 -10.08 -0.37 -1.42
CA VAL A 130 -10.22 -1.18 -0.22
C VAL A 130 -11.42 -2.10 -0.35
N GLU A 131 -11.37 -3.21 0.38
CA GLU A 131 -12.53 -4.08 0.52
C GLU A 131 -13.09 -3.81 1.91
N ILE A 132 -14.39 -3.48 1.95
CA ILE A 132 -15.07 -3.19 3.20
C ILE A 132 -15.84 -4.43 3.62
N ASN A 133 -15.69 -4.80 4.89
CA ASN A 133 -16.30 -6.01 5.42
C ASN A 133 -16.55 -5.87 6.91
N PHE A 134 -17.36 -6.79 7.43
CA PHE A 134 -17.58 -6.92 8.87
C PHE A 134 -18.24 -5.69 9.49
N LEU A 135 -19.04 -5.00 8.69
CA LEU A 135 -19.90 -3.94 9.22
C LEU A 135 -20.90 -4.60 10.16
N CYS A 136 -20.93 -4.13 11.40
CA CYS A 136 -21.76 -4.75 12.42
C CYS A 136 -22.13 -3.76 13.49
N VAL A 137 -23.42 -3.71 13.80
CA VAL A 137 -23.93 -2.90 14.90
C VAL A 137 -24.67 -3.85 15.83
N HIS A 138 -24.37 -3.75 17.13
CA HIS A 138 -25.01 -4.57 18.15
C HIS A 138 -26.52 -4.49 18.02
N LYS A 139 -27.20 -5.62 18.25
CA LYS A 139 -28.65 -5.70 18.11
C LYS A 139 -29.41 -4.63 18.90
N LYS A 140 -28.87 -4.27 20.05
CA LYS A 140 -29.49 -3.26 20.91
C LYS A 140 -29.38 -1.84 20.34
N LEU A 141 -28.48 -1.66 19.37
CA LEU A 141 -28.25 -0.35 18.76
C LEU A 141 -28.79 -0.24 17.33
N ARG A 142 -29.56 -1.24 16.90
CA ARG A 142 -30.09 -1.28 15.53
C ARG A 142 -31.10 -0.17 15.24
N SER A 143 -31.15 0.23 13.97
CA SER A 143 -32.09 1.25 13.46
C SER A 143 -31.95 2.63 14.11
N LYS A 144 -30.74 2.92 14.59
CA LYS A 144 -30.42 4.20 15.24
C LYS A 144 -29.44 5.01 14.37
N ARG A 145 -29.36 4.65 13.09
CA ARG A 145 -28.50 5.30 12.10
C ARG A 145 -27.02 5.31 12.47
N VAL A 146 -26.57 4.25 13.14
CA VAL A 146 -25.17 4.10 13.51
C VAL A 146 -24.35 3.61 12.30
N ALA A 147 -24.98 2.82 11.42
CA ALA A 147 -24.28 2.28 10.23
C ALA A 147 -23.77 3.38 9.29
N PRO A 148 -24.60 4.41 8.96
CA PRO A 148 -24.06 5.49 8.13
C PRO A 148 -22.84 6.18 8.75
N VAL A 149 -22.80 6.30 10.07
CA VAL A 149 -21.65 6.90 10.73
C VAL A 149 -20.40 6.02 10.56
N LEU A 150 -20.58 4.71 10.76
CA LEU A 150 -19.49 3.76 10.56
C LEU A 150 -18.97 3.83 9.13
N ILE A 151 -19.90 3.91 8.17
CA ILE A 151 -19.53 3.96 6.76
C ILE A 151 -18.80 5.27 6.41
N ARG A 152 -19.31 6.39 6.91
CA ARG A 152 -18.64 7.66 6.66
C ARG A 152 -17.27 7.72 7.32
N GLU A 153 -17.15 7.14 8.52
CA GLU A 153 -15.88 7.17 9.23
C GLU A 153 -14.83 6.32 8.54
N ILE A 154 -15.18 5.11 8.12
CA ILE A 154 -14.21 4.29 7.39
C ILE A 154 -13.85 4.95 6.06
N THR A 155 -14.83 5.58 5.41
CA THR A 155 -14.57 6.29 4.16
C THR A 155 -13.52 7.38 4.38
N ARG A 156 -13.70 8.17 5.43
CA ARG A 156 -12.76 9.23 5.78
C ARG A 156 -11.36 8.68 6.02
N ARG A 157 -11.27 7.61 6.78
CA ARG A 157 -9.97 7.02 7.12
C ARG A 157 -9.27 6.44 5.90
N VAL A 158 -10.07 5.96 4.94
CA VAL A 158 -9.53 5.41 3.69
C VAL A 158 -9.07 6.57 2.80
N HIS A 159 -9.89 7.61 2.72
CA HIS A 159 -9.51 8.82 1.98
C HIS A 159 -8.17 9.41 2.43
N LEU A 160 -7.90 9.36 3.73
CA LEU A 160 -6.67 9.92 4.30
C LEU A 160 -5.43 9.22 3.73
N GLU A 161 -5.61 7.96 3.34
CA GLU A 161 -4.54 7.15 2.76
C GLU A 161 -4.49 7.22 1.23
N GLY A 162 -5.31 8.12 0.66
CA GLY A 162 -5.27 8.43 -0.77
C GLY A 162 -6.02 7.45 -1.65
N ILE A 163 -6.92 6.67 -1.04
CA ILE A 163 -7.73 5.69 -1.74
C ILE A 163 -9.17 6.20 -1.85
N PHE A 164 -9.74 6.13 -3.05
CA PHE A 164 -11.02 6.77 -3.34
C PHE A 164 -12.07 5.85 -3.96
N GLN A 165 -11.74 4.57 -4.06
CA GLN A 165 -12.68 3.55 -4.49
C GLN A 165 -12.69 2.39 -3.52
N ALA A 166 -13.82 1.69 -3.48
CA ALA A 166 -13.95 0.50 -2.63
C ALA A 166 -14.82 -0.53 -3.30
N VAL A 167 -14.67 -1.77 -2.86
CA VAL A 167 -15.52 -2.86 -3.30
C VAL A 167 -16.09 -3.53 -2.05
N TYR A 168 -17.35 -3.98 -2.14
CA TYR A 168 -18.01 -4.65 -1.02
C TYR A 168 -19.17 -5.50 -1.54
N THR A 169 -19.58 -6.48 -0.74
CA THR A 169 -20.77 -7.28 -1.03
C THR A 169 -21.77 -7.15 0.11
N ALA A 170 -23.04 -7.32 -0.21
CA ALA A 170 -24.11 -7.37 0.80
C ALA A 170 -25.32 -8.11 0.25
N GLY A 171 -26.08 -8.72 1.16
CA GLY A 171 -27.34 -9.40 0.82
C GLY A 171 -28.47 -8.44 0.47
N VAL A 172 -28.32 -7.18 0.87
CA VAL A 172 -29.35 -6.16 0.60
C VAL A 172 -29.10 -5.43 -0.71
N VAL A 173 -30.19 -4.96 -1.32
CA VAL A 173 -30.12 -4.18 -2.55
C VAL A 173 -29.92 -2.70 -2.23
N LEU A 174 -28.82 -2.15 -2.72
CA LEU A 174 -28.47 -0.75 -2.50
C LEU A 174 -28.09 -0.14 -3.84
N PRO A 175 -28.06 1.21 -3.93
CA PRO A 175 -27.49 1.80 -5.14
C PRO A 175 -25.98 1.53 -5.16
N LYS A 176 -25.44 0.89 -6.20
CA LYS A 176 -26.19 0.17 -7.23
C LYS A 176 -25.32 -1.03 -7.58
N PRO A 177 -25.89 -2.26 -7.59
CA PRO A 177 -25.04 -3.42 -7.80
C PRO A 177 -24.36 -3.44 -9.16
N VAL A 178 -23.09 -3.81 -9.18
CA VAL A 178 -22.36 -3.98 -10.44
C VAL A 178 -22.50 -5.43 -10.92
N GLY A 179 -22.94 -6.29 -10.00
CA GLY A 179 -23.13 -7.70 -10.29
C GLY A 179 -23.99 -8.33 -9.22
N THR A 180 -24.86 -9.25 -9.62
CA THR A 180 -25.71 -9.95 -8.68
C THR A 180 -25.43 -11.44 -8.77
N CYS A 181 -25.06 -12.02 -7.64
CA CYS A 181 -24.74 -13.45 -7.56
C CYS A 181 -25.74 -14.18 -6.67
N ARG A 182 -25.77 -15.51 -6.81
CA ARG A 182 -26.61 -16.38 -5.98
C ARG A 182 -25.75 -17.42 -5.30
N TYR A 183 -25.98 -17.64 -4.01
CA TYR A 183 -25.34 -18.75 -3.30
C TYR A 183 -26.04 -20.06 -3.61
N TRP A 184 -25.25 -21.09 -3.88
CA TRP A 184 -25.72 -22.47 -4.02
C TRP A 184 -25.06 -23.32 -2.95
N HIS A 185 -25.72 -24.40 -2.57
CA HIS A 185 -25.26 -25.24 -1.47
C HIS A 185 -25.25 -26.69 -1.85
N ARG A 186 -24.18 -27.38 -1.48
CA ARG A 186 -24.06 -28.80 -1.74
C ARG A 186 -24.04 -29.54 -0.41
N SER A 187 -25.08 -30.34 -0.17
CA SER A 187 -25.20 -31.10 1.07
C SER A 187 -24.08 -32.13 1.17
N LEU A 188 -23.42 -32.16 2.32
CA LEU A 188 -22.41 -33.17 2.59
C LEU A 188 -22.88 -34.09 3.70
N ASN A 189 -23.64 -33.52 4.64
CA ASN A 189 -24.25 -34.23 5.75
C ASN A 189 -25.77 -33.94 5.73
N PRO A 190 -26.49 -34.54 4.77
CA PRO A 190 -27.90 -34.22 4.56
C PRO A 190 -28.80 -34.47 5.78
N ARG A 191 -28.42 -35.40 6.63
CA ARG A 191 -29.21 -35.72 7.80
C ARG A 191 -29.26 -34.58 8.76
N LYS A 192 -28.07 -34.11 9.14
CA LYS A 192 -27.92 -32.96 10.03
C LYS A 192 -28.61 -31.73 9.44
N LEU A 193 -28.40 -31.48 8.15
CA LEU A 193 -28.98 -30.32 7.47
C LEU A 193 -30.51 -30.32 7.48
N ILE A 194 -31.10 -31.53 7.40
CA ILE A 194 -32.56 -31.66 7.49
C ILE A 194 -33.04 -31.52 8.93
N GLU A 195 -32.29 -32.07 9.85
CA GLU A 195 -32.55 -31.99 11.30
C GLU A 195 -32.60 -30.55 11.79
N VAL A 196 -31.74 -29.70 11.25
CA VAL A 196 -31.66 -28.29 11.66
C VAL A 196 -32.47 -27.36 10.77
N LYS A 197 -33.23 -27.96 9.84
CA LYS A 197 -34.17 -27.25 8.97
C LYS A 197 -33.49 -26.28 7.99
N PHE A 198 -32.25 -26.55 7.63
CA PHE A 198 -31.64 -25.81 6.53
C PHE A 198 -32.20 -26.32 5.21
N SER A 199 -32.24 -27.63 5.06
CA SER A 199 -32.85 -28.27 3.91
C SER A 199 -34.05 -29.10 4.35
N HIS A 200 -34.89 -29.48 3.38
CA HIS A 200 -36.07 -30.29 3.67
C HIS A 200 -36.04 -31.62 2.93
N LEU A 201 -36.49 -32.67 3.61
CA LEU A 201 -36.71 -33.98 3.00
C LEU A 201 -37.91 -33.88 2.07
N SER A 202 -37.66 -33.99 0.77
CA SER A 202 -38.70 -33.78 -0.24
C SER A 202 -39.78 -34.86 -0.25
N ARG A 203 -40.89 -34.57 -0.93
CA ARG A 203 -42.03 -35.47 -1.03
C ARG A 203 -41.73 -36.73 -1.85
N ASN A 204 -40.99 -36.56 -2.94
CA ASN A 204 -40.67 -37.66 -3.85
C ASN A 204 -39.40 -38.44 -3.48
N MET A 205 -38.82 -38.12 -2.33
CA MET A 205 -37.60 -38.79 -1.85
C MET A 205 -37.66 -39.10 -0.35
N THR A 206 -37.12 -40.26 0.02
CA THR A 206 -36.95 -40.62 1.43
C THR A 206 -35.59 -40.17 1.92
N MET A 207 -35.35 -40.27 3.23
CA MET A 207 -34.04 -39.97 3.82
C MET A 207 -32.97 -40.92 3.27
N GLN A 208 -33.34 -42.18 3.10
CA GLN A 208 -32.47 -43.21 2.52
C GLN A 208 -32.05 -42.82 1.09
N ARG A 209 -33.00 -42.34 0.31
CA ARG A 209 -32.76 -41.85 -1.04
C ARG A 209 -31.89 -40.59 -1.06
N THR A 210 -32.20 -39.66 -0.15
CA THR A 210 -31.48 -38.39 -0.04
C THR A 210 -30.00 -38.60 0.30
N MET A 211 -29.74 -39.46 1.28
CA MET A 211 -28.37 -39.78 1.70
C MET A 211 -27.58 -40.47 0.59
N LYS A 212 -28.28 -41.31 -0.19
CA LYS A 212 -27.68 -41.98 -1.34
C LYS A 212 -27.35 -40.99 -2.45
N LEU A 213 -28.27 -40.04 -2.68
CA LEU A 213 -28.09 -39.00 -3.69
C LEU A 213 -26.82 -38.18 -3.44
N TYR A 214 -26.59 -37.85 -2.17
CA TYR A 214 -25.50 -36.94 -1.79
C TYR A 214 -24.21 -37.65 -1.34
N ARG A 215 -24.22 -38.98 -1.36
CA ARG A 215 -23.04 -39.76 -0.97
C ARG A 215 -21.87 -39.53 -1.93
N LEU A 216 -20.68 -39.36 -1.37
CA LEU A 216 -19.48 -39.05 -2.14
C LEU A 216 -18.39 -40.10 -1.91
N PRO A 217 -17.43 -40.23 -2.85
CA PRO A 217 -16.25 -41.08 -2.65
C PRO A 217 -15.46 -40.67 -1.40
N GLU A 218 -14.68 -41.59 -0.86
CA GLU A 218 -13.95 -41.36 0.37
C GLU A 218 -12.61 -40.64 0.16
N THR A 219 -12.12 -40.65 -1.08
CA THR A 219 -10.87 -39.99 -1.45
C THR A 219 -11.00 -39.33 -2.83
N PRO A 220 -10.24 -38.24 -3.08
CA PRO A 220 -10.30 -37.55 -4.37
C PRO A 220 -9.78 -38.44 -5.50
N LYS A 221 -10.22 -38.16 -6.73
CA LYS A 221 -9.83 -38.96 -7.89
C LYS A 221 -8.73 -38.35 -8.77
N THR A 222 -8.54 -37.03 -8.70
CA THR A 222 -7.58 -36.37 -9.57
C THR A 222 -6.15 -36.73 -9.20
N ALA A 223 -5.41 -37.24 -10.19
CA ALA A 223 -4.03 -37.64 -10.02
C ALA A 223 -3.17 -36.48 -9.55
N GLY A 224 -2.42 -36.72 -8.49
CA GLY A 224 -1.40 -35.79 -8.03
C GLY A 224 -1.94 -34.61 -7.23
N LEU A 225 -3.18 -34.73 -6.78
CA LEU A 225 -3.80 -33.69 -5.95
C LEU A 225 -3.19 -33.77 -4.55
N ARG A 226 -2.69 -32.64 -4.05
CA ARG A 226 -2.06 -32.58 -2.74
C ARG A 226 -2.21 -31.17 -2.17
N PRO A 227 -2.07 -31.01 -0.83
CA PRO A 227 -2.09 -29.66 -0.27
C PRO A 227 -1.00 -28.75 -0.83
N MET A 228 -1.36 -27.50 -1.05
CA MET A 228 -0.41 -26.49 -1.45
C MET A 228 0.72 -26.37 -0.43
N GLU A 229 1.95 -26.26 -0.91
CA GLU A 229 3.12 -26.05 -0.06
C GLU A 229 3.80 -24.73 -0.44
N THR A 230 4.82 -24.36 0.33
CA THR A 230 5.55 -23.11 0.10
C THR A 230 6.12 -23.03 -1.31
N LYS A 231 6.67 -24.12 -1.79
CA LYS A 231 7.25 -24.16 -3.14
C LYS A 231 6.24 -23.88 -4.27
N ASP A 232 4.95 -23.95 -3.96
CA ASP A 232 3.89 -23.77 -4.95
C ASP A 232 3.41 -22.32 -5.05
N ILE A 233 3.91 -21.46 -4.16
CA ILE A 233 3.42 -20.08 -4.14
C ILE A 233 3.55 -19.36 -5.49
N PRO A 234 4.72 -19.45 -6.15
CA PRO A 234 4.83 -18.74 -7.42
C PRO A 234 3.90 -19.27 -8.51
N VAL A 235 3.81 -20.59 -8.65
CA VAL A 235 2.98 -21.16 -9.70
C VAL A 235 1.49 -20.92 -9.43
N VAL A 236 1.08 -20.95 -8.16
CA VAL A 236 -0.30 -20.62 -7.80
C VAL A 236 -0.59 -19.16 -8.20
N HIS A 237 0.36 -18.27 -7.91
CA HIS A 237 0.25 -16.87 -8.33
C HIS A 237 0.11 -16.75 -9.85
N GLN A 238 0.97 -17.46 -10.58
CA GLN A 238 0.96 -17.44 -12.04
C GLN A 238 -0.37 -17.94 -12.59
N LEU A 239 -0.79 -19.11 -12.13
CA LEU A 239 -2.04 -19.72 -12.55
C LEU A 239 -3.23 -18.81 -12.29
N LEU A 240 -3.28 -18.24 -11.10
CA LEU A 240 -4.41 -17.39 -10.72
C LEU A 240 -4.45 -16.14 -11.60
N THR A 241 -3.30 -15.50 -11.77
CA THR A 241 -3.22 -14.24 -12.50
C THR A 241 -3.73 -14.44 -13.93
N ARG A 242 -3.24 -15.51 -14.57
CA ARG A 242 -3.65 -15.80 -15.94
C ARG A 242 -5.13 -16.17 -16.05
N TYR A 243 -5.62 -16.95 -15.10
CA TYR A 243 -6.99 -17.42 -15.12
C TYR A 243 -8.00 -16.28 -14.95
N LEU A 244 -7.64 -15.30 -14.13
CA LEU A 244 -8.56 -14.20 -13.81
C LEU A 244 -8.80 -13.20 -14.94
N LYS A 245 -7.90 -13.16 -15.93
CA LYS A 245 -7.99 -12.21 -17.04
C LYS A 245 -9.33 -12.25 -17.80
N GLN A 246 -9.98 -13.42 -17.78
CA GLN A 246 -11.21 -13.65 -18.53
C GLN A 246 -12.46 -13.01 -17.90
N PHE A 247 -12.34 -12.55 -16.66
CA PHE A 247 -13.47 -11.94 -15.95
C PHE A 247 -13.34 -10.43 -15.91
N HIS A 248 -14.42 -9.74 -15.52
CA HIS A 248 -14.45 -8.27 -15.58
C HIS A 248 -14.26 -7.56 -14.24
N LEU A 249 -14.40 -8.30 -13.15
CA LEU A 249 -14.14 -7.78 -11.81
C LEU A 249 -13.29 -8.79 -11.08
N THR A 250 -12.02 -8.45 -10.85
CA THR A 250 -11.08 -9.42 -10.27
C THR A 250 -10.10 -8.74 -9.31
N PRO A 251 -9.50 -9.51 -8.40
CA PRO A 251 -8.39 -8.96 -7.65
C PRO A 251 -7.12 -9.06 -8.48
N VAL A 252 -6.16 -8.21 -8.16
CA VAL A 252 -4.82 -8.28 -8.72
C VAL A 252 -3.91 -8.50 -7.50
N MET A 253 -3.47 -9.74 -7.33
CA MET A 253 -2.73 -10.11 -6.13
C MET A 253 -1.24 -10.21 -6.40
N SER A 254 -0.46 -9.66 -5.49
CA SER A 254 0.98 -9.87 -5.50
C SER A 254 1.27 -11.30 -5.04
N GLN A 255 2.53 -11.70 -5.19
CA GLN A 255 2.93 -13.02 -4.71
C GLN A 255 2.79 -13.14 -3.19
N GLU A 256 3.04 -12.05 -2.47
CA GLU A 256 2.85 -12.03 -1.02
C GLU A 256 1.38 -12.19 -0.64
N GLU A 257 0.51 -11.52 -1.40
CA GLU A 257 -0.93 -11.66 -1.19
C GLU A 257 -1.40 -13.08 -1.50
N VAL A 258 -0.84 -13.70 -2.54
CA VAL A 258 -1.19 -15.07 -2.87
C VAL A 258 -0.79 -16.02 -1.74
N GLU A 259 0.40 -15.83 -1.18
CA GLU A 259 0.81 -16.62 -0.03
C GLU A 259 -0.18 -16.44 1.12
N HIS A 260 -0.57 -15.20 1.39
CA HIS A 260 -1.50 -14.94 2.49
C HIS A 260 -2.86 -15.63 2.30
N TRP A 261 -3.44 -15.44 1.11
CA TRP A 261 -4.81 -15.89 0.87
C TRP A 261 -4.94 -17.39 0.61
N PHE A 262 -3.86 -18.05 0.19
CA PHE A 262 -3.93 -19.45 -0.23
C PHE A 262 -3.13 -20.45 0.57
N TYR A 263 -2.05 -20.03 1.22
CA TYR A 263 -1.23 -21.00 1.96
C TYR A 263 -2.11 -21.63 3.05
N PRO A 264 -2.13 -22.98 3.09
CA PRO A 264 -3.13 -23.60 3.97
C PRO A 264 -2.92 -23.30 5.45
N GLN A 265 -4.03 -23.03 6.13
CA GLN A 265 -4.07 -22.89 7.58
C GLN A 265 -5.28 -23.68 8.02
N GLU A 266 -5.06 -24.68 8.87
CA GLU A 266 -6.15 -25.56 9.28
CA GLU A 266 -6.12 -25.65 9.25
C GLU A 266 -7.30 -24.76 9.92
N ASN A 267 -8.51 -25.11 9.51
CA ASN A 267 -9.75 -24.49 9.99
C ASN A 267 -9.92 -23.04 9.54
N ILE A 268 -9.13 -22.63 8.55
CA ILE A 268 -9.28 -21.30 7.96
C ILE A 268 -9.35 -21.40 6.43
N ILE A 269 -8.26 -21.86 5.82
CA ILE A 269 -8.15 -21.89 4.36
C ILE A 269 -7.48 -23.19 3.91
N ASP A 270 -8.08 -23.84 2.93
CA ASP A 270 -7.50 -25.02 2.30
C ASP A 270 -7.25 -24.76 0.83
N THR A 271 -6.06 -25.12 0.38
CA THR A 271 -5.72 -25.06 -1.04
C THR A 271 -5.03 -26.35 -1.41
N PHE A 272 -5.53 -26.98 -2.47
CA PHE A 272 -4.93 -28.19 -2.98
C PHE A 272 -4.51 -27.95 -4.42
N VAL A 273 -3.29 -28.35 -4.74
CA VAL A 273 -2.77 -28.21 -6.11
C VAL A 273 -2.75 -29.56 -6.82
N VAL A 274 -2.79 -29.52 -8.16
CA VAL A 274 -2.61 -30.72 -8.96
C VAL A 274 -1.19 -30.70 -9.49
N GLU A 275 -0.37 -31.62 -8.99
CA GLU A 275 0.99 -31.78 -9.49
C GLU A 275 1.05 -33.01 -10.39
N ASN A 276 1.30 -32.78 -11.68
CA ASN A 276 1.21 -33.85 -12.66
C ASN A 276 2.43 -34.78 -12.68
N ALA A 277 2.43 -35.69 -13.65
CA ALA A 277 3.45 -36.73 -13.76
C ALA A 277 4.83 -36.15 -14.06
N ASN A 278 4.85 -34.91 -14.52
CA ASN A 278 6.09 -34.19 -14.84
C ASN A 278 6.56 -33.30 -13.69
N GLY A 279 5.75 -33.23 -12.63
CA GLY A 279 6.08 -32.42 -11.48
C GLY A 279 5.61 -30.98 -11.62
N GLU A 280 4.78 -30.73 -12.62
CA GLU A 280 4.25 -29.38 -12.88
C GLU A 280 2.89 -29.20 -12.21
N VAL A 281 2.72 -28.06 -11.53
CA VAL A 281 1.41 -27.72 -10.96
C VAL A 281 0.55 -27.06 -12.03
N THR A 282 -0.60 -27.66 -12.32
CA THR A 282 -1.41 -27.26 -13.46
C THR A 282 -2.77 -26.73 -13.08
N ASP A 283 -3.20 -27.02 -11.86
CA ASP A 283 -4.52 -26.64 -11.37
C ASP A 283 -4.47 -26.46 -9.87
N PHE A 284 -5.44 -25.72 -9.33
CA PHE A 284 -5.65 -25.72 -7.88
C PHE A 284 -7.10 -25.44 -7.51
N LEU A 285 -7.49 -25.96 -6.35
CA LEU A 285 -8.79 -25.66 -5.79
C LEU A 285 -8.59 -25.06 -4.40
N SER A 286 -9.52 -24.22 -3.97
CA SER A 286 -9.42 -23.64 -2.63
C SER A 286 -10.79 -23.38 -2.04
N PHE A 287 -10.87 -23.49 -0.72
CA PHE A 287 -12.09 -23.18 0.00
C PHE A 287 -11.77 -22.76 1.43
N TYR A 288 -12.56 -21.84 1.95
CA TYR A 288 -12.34 -21.39 3.31
C TYR A 288 -13.38 -21.95 4.29
N THR A 289 -13.00 -21.96 5.55
CA THR A 289 -13.79 -22.56 6.63
C THR A 289 -14.55 -21.48 7.38
N LEU A 290 -15.88 -21.54 7.33
CA LEU A 290 -16.70 -20.57 8.05
C LEU A 290 -17.93 -21.26 8.64
N PRO A 291 -17.89 -21.59 9.94
CA PRO A 291 -19.06 -22.23 10.53
C PRO A 291 -20.15 -21.21 10.84
N SER A 292 -21.35 -21.74 11.06
CA SER A 292 -22.47 -20.94 11.48
C SER A 292 -22.99 -21.44 12.82
N THR A 293 -23.52 -20.52 13.60
CA THR A 293 -24.22 -20.87 14.82
C THR A 293 -25.63 -21.24 14.41
N ILE A 294 -26.18 -22.29 15.01
CA ILE A 294 -27.57 -22.65 14.82
C ILE A 294 -28.29 -22.20 16.08
N MET A 295 -29.18 -21.22 15.95
CA MET A 295 -29.79 -20.61 17.14
C MET A 295 -30.99 -21.40 17.62
N ASN A 296 -31.18 -21.40 18.94
CA ASN A 296 -32.37 -21.96 19.57
C ASN A 296 -32.56 -23.45 19.32
N HIS A 297 -31.45 -24.16 19.18
CA HIS A 297 -31.50 -25.61 19.00
C HIS A 297 -30.87 -26.30 20.20
N PRO A 298 -31.64 -27.19 20.85
CA PRO A 298 -31.21 -27.90 22.05
C PRO A 298 -29.99 -28.81 21.87
N THR A 299 -29.80 -29.33 20.67
CA THR A 299 -28.77 -30.36 20.43
C THR A 299 -27.68 -29.97 19.43
N HIS A 300 -28.07 -29.40 18.30
CA HIS A 300 -27.13 -28.98 17.28
C HIS A 300 -26.84 -27.49 17.42
N LYS A 301 -25.60 -27.17 17.75
CA LYS A 301 -25.24 -25.79 18.09
C LYS A 301 -24.54 -25.06 16.95
N SER A 302 -23.97 -25.83 16.03
CA SER A 302 -23.17 -25.25 14.95
C SER A 302 -23.29 -26.07 13.67
N LEU A 303 -23.06 -25.39 12.55
CA LEU A 303 -23.01 -26.04 11.25
C LEU A 303 -21.65 -25.69 10.65
N LYS A 304 -20.89 -26.70 10.23
CA LYS A 304 -19.57 -26.46 9.63
C LYS A 304 -19.69 -26.33 8.11
N ALA A 305 -19.37 -25.15 7.59
CA ALA A 305 -19.55 -24.86 6.17
C ALA A 305 -18.22 -24.51 5.52
N ALA A 306 -18.02 -25.05 4.32
CA ALA A 306 -16.90 -24.69 3.46
C ALA A 306 -17.40 -23.76 2.37
N TYR A 307 -16.59 -22.76 2.02
CA TYR A 307 -16.93 -21.82 0.98
C TYR A 307 -15.91 -21.85 -0.13
N SER A 308 -16.39 -22.10 -1.35
CA SER A 308 -15.55 -22.08 -2.54
C SER A 308 -14.84 -20.73 -2.63
N PHE A 309 -13.55 -20.77 -2.90
CA PHE A 309 -12.74 -19.57 -2.94
C PHE A 309 -12.33 -19.34 -4.40
N TYR A 310 -11.10 -19.68 -4.77
CA TYR A 310 -10.68 -19.58 -6.18
C TYR A 310 -10.26 -20.96 -6.67
N ASN A 311 -10.79 -21.32 -7.83
CA ASN A 311 -10.50 -22.61 -8.43
C ASN A 311 -10.01 -22.38 -9.84
N VAL A 312 -8.77 -22.78 -10.08
CA VAL A 312 -8.12 -22.54 -11.36
C VAL A 312 -7.84 -23.88 -12.03
N HIS A 313 -8.29 -24.00 -13.28
CA HIS A 313 -8.07 -25.21 -14.07
C HIS A 313 -7.38 -24.85 -15.38
N THR A 314 -6.37 -25.64 -15.75
CA THR A 314 -5.72 -25.53 -17.06
C THR A 314 -5.57 -26.88 -17.75
N GLN A 315 -5.58 -27.96 -16.96
CA GLN A 315 -5.39 -29.33 -17.47
C GLN A 315 -6.39 -30.33 -16.91
N THR A 316 -6.94 -30.05 -15.74
CA THR A 316 -7.98 -30.86 -15.12
C THR A 316 -9.31 -30.15 -15.35
N PRO A 317 -10.34 -30.86 -15.81
CA PRO A 317 -11.63 -30.18 -16.01
C PRO A 317 -12.15 -29.64 -14.69
N LEU A 318 -12.77 -28.47 -14.73
CA LEU A 318 -13.28 -27.83 -13.52
C LEU A 318 -14.24 -28.73 -12.75
N LEU A 319 -15.07 -29.46 -13.50
CA LEU A 319 -16.02 -30.41 -12.90
C LEU A 319 -15.32 -31.43 -12.01
N ASP A 320 -14.18 -31.94 -12.46
CA ASP A 320 -13.38 -32.89 -11.69
C ASP A 320 -12.76 -32.25 -10.43
N LEU A 321 -12.24 -31.03 -10.60
CA LEU A 321 -11.67 -30.28 -9.48
C LEU A 321 -12.68 -30.07 -8.36
N MET A 322 -13.89 -29.70 -8.74
CA MET A 322 -14.93 -29.39 -7.77
C MET A 322 -15.49 -30.64 -7.12
N SER A 323 -15.51 -31.74 -7.87
CA SER A 323 -15.88 -33.03 -7.31
C SER A 323 -14.89 -33.39 -6.20
N ASP A 324 -13.61 -33.17 -6.45
CA ASP A 324 -12.59 -33.41 -5.43
C ASP A 324 -12.67 -32.43 -4.25
N ALA A 325 -13.05 -31.18 -4.53
CA ALA A 325 -13.29 -30.20 -3.46
C ALA A 325 -14.36 -30.71 -2.50
N LEU A 326 -15.47 -31.19 -3.06
CA LEU A 326 -16.56 -31.77 -2.27
C LEU A 326 -16.07 -32.95 -1.42
N VAL A 327 -15.32 -33.85 -2.03
CA VAL A 327 -14.80 -35.03 -1.33
C VAL A 327 -13.87 -34.60 -0.19
N LEU A 328 -12.98 -33.64 -0.47
CA LEU A 328 -12.06 -33.16 0.55
C LEU A 328 -12.77 -32.47 1.71
N ALA A 329 -13.79 -31.68 1.39
CA ALA A 329 -14.60 -31.02 2.41
C ALA A 329 -15.32 -32.06 3.28
N LYS A 330 -15.92 -33.06 2.64
CA LYS A 330 -16.57 -34.14 3.39
C LYS A 330 -15.60 -34.84 4.33
N MET A 331 -14.39 -35.13 3.84
CA MET A 331 -13.33 -35.75 4.65
C MET A 331 -12.96 -34.94 5.89
N LYS A 332 -12.99 -33.61 5.75
CA LYS A 332 -12.61 -32.69 6.80
C LYS A 332 -13.74 -32.37 7.78
N GLY A 333 -14.88 -33.03 7.60
CA GLY A 333 -15.98 -32.93 8.56
C GLY A 333 -16.98 -31.84 8.29
N PHE A 334 -16.93 -31.23 7.11
CA PHE A 334 -17.90 -30.19 6.73
C PHE A 334 -19.32 -30.76 6.53
N ASP A 335 -20.32 -29.98 6.91
CA ASP A 335 -21.72 -30.36 6.73
C ASP A 335 -22.26 -29.94 5.38
N VAL A 336 -21.74 -28.84 4.84
CA VAL A 336 -22.24 -28.26 3.61
C VAL A 336 -21.10 -27.53 2.89
N PHE A 337 -21.19 -27.51 1.55
CA PHE A 337 -20.22 -26.82 0.70
C PHE A 337 -20.96 -25.74 -0.08
N ASN A 338 -20.54 -24.50 0.12
CA ASN A 338 -21.17 -23.36 -0.51
C ASN A 338 -20.34 -22.79 -1.66
N ALA A 339 -21.02 -22.40 -2.73
CA ALA A 339 -20.37 -21.73 -3.86
C ALA A 339 -21.33 -20.73 -4.47
N LEU A 340 -20.77 -19.65 -5.02
CA LEU A 340 -21.55 -18.65 -5.73
C LEU A 340 -21.67 -19.05 -7.20
N ASP A 341 -22.57 -18.40 -7.93
CA ASP A 341 -22.75 -18.67 -9.35
C ASP A 341 -21.86 -17.79 -10.24
N LEU A 342 -20.77 -17.27 -9.65
CA LEU A 342 -19.84 -16.43 -10.38
C LEU A 342 -18.77 -17.23 -11.10
N MET A 343 -17.87 -16.53 -11.81
CA MET A 343 -16.84 -17.16 -12.63
C MET A 343 -17.46 -18.26 -13.52
N GLU A 344 -16.85 -19.43 -13.58
CA GLU A 344 -17.39 -20.53 -14.39
C GLU A 344 -18.19 -21.54 -13.57
N ASN A 345 -18.67 -21.11 -12.40
CA ASN A 345 -19.30 -22.02 -11.46
C ASN A 345 -20.61 -22.65 -11.96
N LYS A 346 -21.33 -21.92 -12.82
CA LYS A 346 -22.58 -22.42 -13.38
C LYS A 346 -22.38 -23.67 -14.24
N THR A 347 -21.16 -23.91 -14.69
CA THR A 347 -20.83 -25.11 -15.47
C THR A 347 -20.80 -26.38 -14.61
N PHE A 348 -20.71 -26.24 -13.29
CA PHE A 348 -20.67 -27.42 -12.42
C PHE A 348 -21.75 -27.50 -11.33
N LEU A 349 -22.41 -26.39 -11.04
CA LEU A 349 -23.33 -26.33 -9.89
C LEU A 349 -24.43 -27.40 -9.93
N GLU A 350 -25.23 -27.41 -11.00
CA GLU A 350 -26.31 -28.39 -11.11
C GLU A 350 -25.80 -29.81 -11.30
N LYS A 351 -24.71 -29.98 -12.05
CA LYS A 351 -24.11 -31.29 -12.27
C LYS A 351 -23.66 -31.98 -10.97
N LEU A 352 -23.10 -31.20 -10.04
CA LEU A 352 -22.61 -31.77 -8.79
C LEU A 352 -23.63 -31.71 -7.65
N LYS A 353 -24.89 -31.50 -8.02
CA LYS A 353 -26.02 -31.60 -7.09
C LYS A 353 -26.10 -30.47 -6.05
N PHE A 354 -25.59 -29.29 -6.41
CA PHE A 354 -25.83 -28.07 -5.64
C PHE A 354 -27.30 -27.70 -5.79
N GLY A 355 -27.87 -27.16 -4.72
CA GLY A 355 -29.21 -26.57 -4.76
C GLY A 355 -29.09 -25.07 -4.58
N ILE A 356 -29.95 -24.31 -5.26
CA ILE A 356 -29.92 -22.86 -5.15
C ILE A 356 -30.38 -22.41 -3.75
N GLY A 357 -29.77 -21.35 -3.25
CA GLY A 357 -30.12 -20.84 -1.92
C GLY A 357 -31.11 -19.70 -1.99
N ASP A 358 -31.56 -19.26 -0.82
CA ASP A 358 -32.42 -18.08 -0.71
C ASP A 358 -31.54 -16.83 -0.71
N GLY A 359 -32.04 -15.75 -1.31
CA GLY A 359 -31.36 -14.46 -1.29
C GLY A 359 -30.19 -14.34 -2.25
N ASN A 360 -29.83 -13.10 -2.56
CA ASN A 360 -28.75 -12.79 -3.49
C ASN A 360 -27.54 -12.27 -2.74
N LEU A 361 -26.38 -12.34 -3.39
CA LEU A 361 -25.22 -11.59 -2.94
C LEU A 361 -24.90 -10.55 -4.00
N GLN A 362 -25.07 -9.28 -3.64
CA GLN A 362 -24.85 -8.19 -4.56
C GLN A 362 -23.42 -7.68 -4.43
N TYR A 363 -22.78 -7.41 -5.57
CA TYR A 363 -21.44 -6.82 -5.61
C TYR A 363 -21.51 -5.35 -5.90
N TYR A 364 -20.77 -4.56 -5.13
CA TYR A 364 -20.80 -3.11 -5.21
C TYR A 364 -19.43 -2.49 -5.37
N LEU A 365 -19.38 -1.38 -6.08
CA LEU A 365 -18.22 -0.50 -6.11
C LEU A 365 -18.63 0.86 -5.58
N TYR A 366 -17.75 1.45 -4.77
CA TYR A 366 -17.94 2.79 -4.26
C TYR A 366 -17.12 3.76 -5.11
N ASN A 367 -17.79 4.82 -5.55
CA ASN A 367 -17.18 5.86 -6.39
C ASN A 367 -16.58 5.31 -7.70
N TRP A 368 -17.28 4.37 -8.32
CA TRP A 368 -16.90 3.91 -9.65
C TRP A 368 -18.15 3.54 -10.43
N LYS A 369 -18.33 4.20 -11.57
CA LYS A 369 -19.47 3.95 -12.43
C LYS A 369 -19.00 3.12 -13.61
N CYS A 370 -19.69 2.01 -13.85
CA CYS A 370 -19.42 1.14 -14.99
C CYS A 370 -20.66 0.30 -15.28
N PRO A 371 -20.76 -0.27 -16.49
CA PRO A 371 -21.89 -1.16 -16.74
C PRO A 371 -21.89 -2.34 -15.77
N SER A 372 -23.09 -2.80 -15.41
CA SER A 372 -23.23 -4.02 -14.62
C SER A 372 -22.85 -5.23 -15.47
N MET A 373 -22.50 -6.32 -14.79
CA MET A 373 -22.08 -7.54 -15.47
C MET A 373 -22.85 -8.73 -14.93
N GLY A 374 -22.94 -9.79 -15.74
CA GLY A 374 -23.50 -11.05 -15.29
C GLY A 374 -22.59 -11.70 -14.27
N ALA A 375 -23.15 -12.58 -13.46
CA ALA A 375 -22.40 -13.31 -12.43
C ALA A 375 -21.19 -14.02 -13.03
N GLU A 376 -21.32 -14.50 -14.26
CA GLU A 376 -20.28 -15.26 -14.94
CA GLU A 376 -20.28 -15.26 -14.94
C GLU A 376 -19.01 -14.44 -15.18
N LYS A 377 -19.15 -13.11 -15.14
CA LYS A 377 -18.06 -12.20 -15.36
C LYS A 377 -17.44 -11.65 -14.05
N VAL A 378 -18.06 -11.98 -12.94
CA VAL A 378 -17.53 -11.62 -11.63
C VAL A 378 -16.49 -12.65 -11.23
N GLY A 379 -15.27 -12.17 -10.96
CA GLY A 379 -14.15 -13.06 -10.64
C GLY A 379 -13.49 -12.64 -9.34
N LEU A 380 -14.31 -12.24 -8.38
CA LEU A 380 -13.84 -11.77 -7.09
C LEU A 380 -14.64 -12.44 -5.99
N VAL A 381 -13.93 -13.04 -5.04
CA VAL A 381 -14.57 -13.73 -3.94
C VAL A 381 -14.05 -13.15 -2.64
N LEU A 382 -14.96 -12.67 -1.79
CA LEU A 382 -14.59 -12.07 -0.51
C LEU A 382 -14.99 -12.97 0.65
N GLN A 383 -14.38 -12.74 1.81
CA GLN A 383 -14.57 -13.57 3.01
C GLN A 383 -15.84 -13.22 3.77
N ARG B 2 30.11 3.21 -23.34
CA ARG B 2 30.62 2.58 -22.14
C ARG B 2 29.83 1.32 -21.93
N SER B 3 30.50 0.31 -21.43
CA SER B 3 29.87 -0.91 -20.99
C SER B 3 29.50 -0.83 -19.49
N TYR B 4 28.41 -1.49 -19.14
CA TYR B 4 27.94 -1.58 -17.80
C TYR B 4 27.59 -3.04 -17.49
N GLN B 5 28.54 -3.73 -16.91
CA GLN B 5 28.40 -5.16 -16.64
C GLN B 5 27.07 -5.51 -15.96
N PHE B 6 26.69 -4.70 -14.99
CA PHE B 6 25.43 -4.93 -14.30
C PHE B 6 24.26 -4.24 -15.01
N TRP B 7 24.38 -2.93 -15.23
CA TRP B 7 23.26 -2.16 -15.75
C TRP B 7 22.77 -2.56 -17.14
N ASP B 8 23.66 -3.09 -17.98
CA ASP B 8 23.25 -3.61 -19.30
C ASP B 8 22.29 -4.80 -19.20
N THR B 9 22.24 -5.46 -18.04
CA THR B 9 21.36 -6.63 -17.84
C THR B 9 19.97 -6.23 -17.35
N GLN B 10 19.80 -4.95 -17.06
CA GLN B 10 18.59 -4.46 -16.37
C GLN B 10 17.55 -3.84 -17.31
N PRO B 11 16.28 -3.82 -16.88
CA PRO B 11 15.22 -3.23 -17.70
C PRO B 11 15.24 -1.70 -17.62
N VAL B 12 16.26 -1.12 -18.21
CA VAL B 12 16.42 0.34 -18.26
C VAL B 12 16.86 0.69 -19.69
N PRO B 13 16.61 1.94 -20.12
CA PRO B 13 17.06 2.29 -21.48
C PRO B 13 18.58 2.39 -21.54
N LYS B 14 19.13 2.33 -22.75
CA LYS B 14 20.56 2.44 -22.96
C LYS B 14 20.99 3.91 -22.94
N LEU B 15 22.21 4.16 -22.49
CA LEU B 15 22.78 5.50 -22.49
C LEU B 15 22.88 6.00 -23.93
N GLY B 16 22.49 7.25 -24.16
CA GLY B 16 22.47 7.82 -25.50
C GLY B 16 21.22 7.50 -26.30
N GLU B 17 20.44 6.54 -25.81
CA GLU B 17 19.18 6.15 -26.46
C GLU B 17 18.16 7.28 -26.35
N VAL B 18 17.64 7.73 -27.48
CA VAL B 18 16.59 8.74 -27.48
C VAL B 18 15.24 8.02 -27.42
N VAL B 19 14.46 8.33 -26.39
CA VAL B 19 13.21 7.63 -26.14
C VAL B 19 12.01 8.50 -26.51
N ASN B 20 11.04 7.90 -27.20
CA ASN B 20 9.81 8.59 -27.53
C ASN B 20 8.55 7.83 -27.14
N THR B 21 8.74 6.67 -26.51
CA THR B 21 7.65 5.85 -26.00
C THR B 21 7.49 6.07 -24.49
N HIS B 22 6.41 5.53 -23.92
CA HIS B 22 6.13 5.62 -22.48
C HIS B 22 5.60 4.30 -21.95
N GLY B 23 6.39 3.60 -21.15
CA GLY B 23 5.89 2.35 -20.59
C GLY B 23 6.96 1.43 -20.05
N PRO B 24 6.55 0.26 -19.53
CA PRO B 24 7.52 -0.66 -18.96
C PRO B 24 8.46 -1.23 -20.01
N VAL B 25 9.64 -1.65 -19.55
CA VAL B 25 10.66 -2.21 -20.41
C VAL B 25 10.46 -3.72 -20.56
N GLU B 26 9.95 -4.35 -19.51
CA GLU B 26 9.76 -5.79 -19.49
C GLU B 26 8.40 -6.14 -18.88
N PRO B 27 7.87 -7.35 -19.16
CA PRO B 27 6.61 -7.77 -18.57
C PRO B 27 6.69 -7.87 -17.04
N ASP B 28 5.58 -7.57 -16.36
CA ASP B 28 5.43 -7.85 -14.92
C ASP B 28 5.56 -9.33 -14.69
N LYS B 29 6.17 -9.69 -13.56
CA LYS B 29 6.47 -11.08 -13.27
C LYS B 29 5.30 -11.77 -12.58
N ASP B 30 4.84 -12.86 -13.18
CA ASP B 30 3.79 -13.69 -12.57
C ASP B 30 4.39 -14.80 -11.71
N ASN B 31 5.71 -14.98 -11.83
CA ASN B 31 6.48 -15.91 -11.01
C ASN B 31 7.65 -15.10 -10.48
N ILE B 32 7.80 -15.05 -9.16
CA ILE B 32 8.97 -14.38 -8.58
C ILE B 32 9.84 -15.35 -7.77
N ARG B 33 11.15 -15.29 -8.06
CA ARG B 33 12.18 -16.02 -7.33
C ARG B 33 11.94 -15.94 -5.82
N GLN B 34 11.76 -17.09 -5.18
CA GLN B 34 11.52 -17.11 -3.72
C GLN B 34 12.79 -17.05 -2.88
N GLU B 35 13.90 -17.47 -3.47
CA GLU B 35 15.17 -17.53 -2.76
C GLU B 35 15.91 -16.21 -2.89
N PRO B 36 16.48 -15.71 -1.78
CA PRO B 36 17.33 -14.52 -1.88
C PRO B 36 18.53 -14.78 -2.78
N TYR B 37 19.05 -13.73 -3.39
CA TYR B 37 20.25 -13.84 -4.18
C TYR B 37 21.47 -14.15 -3.31
N THR B 38 22.47 -14.76 -3.93
CA THR B 38 23.67 -15.21 -3.25
C THR B 38 24.64 -14.04 -3.06
N LEU B 39 25.04 -13.82 -1.81
CA LEU B 39 26.08 -12.86 -1.47
C LEU B 39 27.43 -13.57 -1.52
N PRO B 40 28.53 -12.79 -1.67
CA PRO B 40 29.84 -13.43 -1.57
C PRO B 40 29.98 -14.21 -0.27
N GLN B 41 30.85 -15.22 -0.29
CA GLN B 41 31.12 -16.05 0.88
C GLN B 41 31.45 -15.18 2.09
N GLY B 42 30.82 -15.49 3.22
CA GLY B 42 31.10 -14.79 4.49
C GLY B 42 30.14 -13.65 4.80
N PHE B 43 29.16 -13.42 3.92
CA PHE B 43 28.16 -12.37 4.11
C PHE B 43 26.74 -12.91 4.05
N THR B 44 25.82 -12.25 4.73
CA THR B 44 24.46 -12.74 4.84
C THR B 44 23.45 -11.59 4.93
N TRP B 45 22.24 -11.85 4.45
CA TRP B 45 21.16 -10.86 4.52
C TRP B 45 20.65 -10.72 5.93
N ASP B 46 20.24 -9.50 6.27
CA ASP B 46 19.49 -9.27 7.50
C ASP B 46 18.59 -8.06 7.33
N ALA B 47 17.28 -8.26 7.49
CA ALA B 47 16.34 -7.14 7.47
C ALA B 47 16.52 -6.38 8.79
N LEU B 48 16.59 -5.06 8.68
CA LEU B 48 16.91 -4.23 9.84
C LEU B 48 15.67 -3.63 10.47
N ASP B 49 15.39 -4.03 11.71
CA ASP B 49 14.29 -3.46 12.47
C ASP B 49 14.74 -2.14 13.06
N LEU B 50 14.35 -1.04 12.42
CA LEU B 50 14.80 0.28 12.86
C LEU B 50 14.11 0.74 14.15
N GLY B 51 13.11 -0.02 14.58
CA GLY B 51 12.46 0.22 15.87
C GLY B 51 13.29 -0.34 17.02
N ASP B 52 14.29 -1.15 16.68
CA ASP B 52 15.28 -1.62 17.63
C ASP B 52 16.39 -0.58 17.66
N ARG B 53 16.51 0.10 18.79
CA ARG B 53 17.46 1.20 18.95
C ARG B 53 18.89 0.83 18.57
N GLY B 54 19.34 -0.34 19.05
CA GLY B 54 20.67 -0.84 18.74
C GLY B 54 20.91 -1.02 17.26
N VAL B 55 19.89 -1.56 16.57
CA VAL B 55 19.97 -1.81 15.14
C VAL B 55 19.98 -0.49 14.37
N LEU B 56 19.12 0.44 14.79
CA LEU B 56 19.13 1.77 14.20
C LEU B 56 20.48 2.45 14.35
N LYS B 57 21.12 2.32 15.52
CA LYS B 57 22.46 2.90 15.67
C LYS B 57 23.53 2.20 14.81
N GLU B 58 23.35 0.90 14.56
CA GLU B 58 24.22 0.17 13.64
C GLU B 58 24.13 0.74 12.22
N LEU B 59 22.90 1.04 11.78
CA LEU B 59 22.71 1.63 10.46
C LEU B 59 23.28 3.05 10.44
N TYR B 60 22.96 3.84 11.47
CA TYR B 60 23.52 5.18 11.60
C TYR B 60 25.04 5.15 11.45
N THR B 61 25.67 4.18 12.11
CA THR B 61 27.12 4.04 12.10
C THR B 61 27.64 3.68 10.71
N LEU B 62 27.01 2.70 10.06
CA LEU B 62 27.40 2.33 8.70
C LEU B 62 27.39 3.55 7.78
N LEU B 63 26.28 4.29 7.81
CA LEU B 63 26.12 5.44 6.92
C LEU B 63 27.04 6.60 7.29
N ASN B 64 27.13 6.90 8.58
CA ASN B 64 28.01 7.96 9.08
C ASN B 64 29.44 7.75 8.60
N GLU B 65 29.86 6.50 8.54
CA GLU B 65 31.24 6.17 8.20
C GLU B 65 31.48 5.81 6.73
N ASN B 66 30.43 5.43 6.00
CA ASN B 66 30.60 4.87 4.66
C ASN B 66 29.68 5.42 3.57
N TYR B 67 28.81 6.37 3.89
CA TYR B 67 27.86 6.88 2.90
C TYR B 67 28.45 7.96 1.96
N VAL B 68 27.58 8.76 1.35
CA VAL B 68 27.97 9.68 0.26
C VAL B 68 28.94 10.78 0.71
N GLU B 69 30.05 10.89 -0.02
CA GLU B 69 31.03 11.96 0.17
C GLU B 69 31.00 12.90 -1.04
N ASP B 70 31.46 14.14 -0.83
CA ASP B 70 31.58 15.10 -1.94
C ASP B 70 32.69 14.70 -2.90
N ASP B 71 32.74 15.37 -4.04
CA ASP B 71 33.79 15.14 -5.06
C ASP B 71 35.20 15.26 -4.49
N ASP B 72 35.38 16.17 -3.52
CA ASP B 72 36.69 16.43 -2.93
C ASP B 72 37.02 15.59 -1.70
N ASN B 73 36.12 14.68 -1.33
CA ASN B 73 36.28 13.82 -0.14
C ASN B 73 36.60 14.60 1.14
N MET B 74 35.85 15.68 1.37
CA MET B 74 36.04 16.54 2.54
C MET B 74 34.86 16.48 3.50
N PHE B 75 33.69 16.13 2.97
CA PHE B 75 32.47 16.09 3.76
C PHE B 75 31.65 14.85 3.42
N ARG B 76 31.08 14.23 4.45
CA ARG B 76 30.21 13.07 4.26
C ARG B 76 28.88 13.30 4.97
N PHE B 77 27.78 12.90 4.33
CA PHE B 77 26.47 13.02 4.94
C PHE B 77 26.45 12.39 6.33
N ASP B 78 25.82 13.10 7.26
CA ASP B 78 25.66 12.64 8.62
C ASP B 78 24.16 12.60 8.97
N TYR B 79 23.46 11.63 8.38
CA TYR B 79 22.03 11.41 8.68
C TYR B 79 21.89 10.99 10.15
N SER B 80 21.03 11.66 10.91
CA SER B 80 20.79 11.28 12.31
C SER B 80 19.86 10.06 12.40
N PRO B 81 19.85 9.35 13.55
CA PRO B 81 18.92 8.24 13.71
C PRO B 81 17.46 8.66 13.50
N GLU B 82 17.09 9.81 14.04
CA GLU B 82 15.74 10.36 13.91
C GLU B 82 15.41 10.71 12.46
N PHE B 83 16.39 11.25 11.73
CA PHE B 83 16.18 11.53 10.32
C PHE B 83 15.94 10.21 9.59
N LEU B 84 16.75 9.21 9.90
CA LEU B 84 16.62 7.91 9.22
C LEU B 84 15.25 7.30 9.43
N LEU B 85 14.73 7.39 10.66
CA LEU B 85 13.34 6.95 10.92
C LEU B 85 12.32 7.71 10.07
N TRP B 86 12.51 9.01 9.94
CA TRP B 86 11.63 9.83 9.10
C TRP B 86 11.73 9.40 7.63
N ALA B 87 12.95 9.17 7.15
CA ALA B 87 13.15 8.84 5.75
C ALA B 87 12.73 7.42 5.40
N LEU B 88 12.83 6.51 6.37
CA LEU B 88 12.70 5.08 6.08
C LEU B 88 11.41 4.44 6.60
N ARG B 89 10.69 5.16 7.47
CA ARG B 89 9.40 4.68 7.94
C ARG B 89 8.23 5.62 7.62
N PRO B 90 8.09 6.04 6.35
CA PRO B 90 6.91 6.77 5.90
C PRO B 90 5.70 5.82 5.80
N PRO B 91 4.49 6.36 5.56
CA PRO B 91 3.31 5.51 5.41
C PRO B 91 3.53 4.39 4.40
N GLY B 92 3.24 3.17 4.82
CA GLY B 92 3.37 2.00 3.94
C GLY B 92 4.73 1.33 3.96
N TRP B 93 5.66 1.83 4.78
CA TRP B 93 6.98 1.20 4.88
C TRP B 93 6.86 -0.28 5.24
N LEU B 94 7.81 -1.07 4.76
CA LEU B 94 7.82 -2.53 5.00
C LEU B 94 9.18 -2.95 5.57
N PRO B 95 9.17 -3.86 6.56
CA PRO B 95 10.41 -4.26 7.20
C PRO B 95 11.40 -4.98 6.29
N GLN B 96 10.89 -5.76 5.35
CA GLN B 96 11.76 -6.52 4.41
CA GLN B 96 11.79 -6.52 4.44
CA GLN B 96 11.74 -6.49 4.42
C GLN B 96 12.49 -5.58 3.45
N TRP B 97 12.02 -4.35 3.34
CA TRP B 97 12.60 -3.38 2.42
C TRP B 97 13.69 -2.55 3.07
N HIS B 98 14.02 -2.88 4.31
CA HIS B 98 15.18 -2.30 4.99
C HIS B 98 16.25 -3.40 4.98
N CYS B 99 16.99 -3.45 3.88
CA CYS B 99 17.74 -4.64 3.50
C CYS B 99 19.23 -4.53 3.85
N GLY B 100 19.62 -5.16 4.96
CA GLY B 100 21.01 -5.13 5.41
C GLY B 100 21.84 -6.32 4.98
N VAL B 101 23.15 -6.11 4.94
CA VAL B 101 24.12 -7.19 4.73
C VAL B 101 25.02 -7.21 5.96
N ARG B 102 25.19 -8.39 6.54
CA ARG B 102 26.06 -8.55 7.70
C ARG B 102 27.17 -9.57 7.44
N VAL B 103 28.29 -9.40 8.15
CA VAL B 103 29.35 -10.40 8.16
C VAL B 103 28.81 -11.61 8.92
N VAL B 104 28.99 -12.80 8.36
CA VAL B 104 28.43 -14.02 8.96
C VAL B 104 28.95 -14.28 10.38
N SER B 105 30.27 -14.22 10.56
CA SER B 105 30.87 -14.61 11.84
C SER B 105 30.67 -13.56 12.94
N SER B 106 30.84 -12.29 12.57
CA SER B 106 30.84 -11.18 13.52
C SER B 106 29.48 -10.47 13.64
N ARG B 107 28.62 -10.68 12.64
CA ARG B 107 27.34 -9.97 12.50
C ARG B 107 27.47 -8.47 12.23
N LYS B 108 28.70 -7.98 12.00
CA LYS B 108 28.93 -6.57 11.67
C LYS B 108 28.13 -6.17 10.42
N LEU B 109 27.43 -5.04 10.53
CA LEU B 109 26.67 -4.49 9.40
C LEU B 109 27.63 -3.86 8.41
N VAL B 110 27.59 -4.32 7.16
CA VAL B 110 28.55 -3.86 6.14
C VAL B 110 27.89 -3.45 4.82
N GLY B 111 26.56 -3.54 4.76
CA GLY B 111 25.87 -3.16 3.56
C GLY B 111 24.43 -2.82 3.86
N PHE B 112 23.84 -1.98 3.01
CA PHE B 112 22.44 -1.60 3.17
C PHE B 112 21.87 -1.12 1.85
N ILE B 113 20.57 -1.33 1.68
CA ILE B 113 19.78 -0.67 0.64
C ILE B 113 18.35 -0.64 1.14
N SER B 114 17.59 0.36 0.70
CA SER B 114 16.22 0.47 1.16
C SER B 114 15.25 0.82 0.04
N ALA B 115 14.02 0.38 0.23
CA ALA B 115 12.90 0.80 -0.60
C ALA B 115 11.81 1.37 0.31
N ILE B 116 11.17 2.45 -0.14
CA ILE B 116 9.93 2.91 0.47
C ILE B 116 8.89 3.08 -0.63
N PRO B 117 7.62 2.85 -0.32
CA PRO B 117 6.61 2.99 -1.37
C PRO B 117 6.36 4.44 -1.69
N ALA B 118 6.10 4.72 -2.97
CA ALA B 118 5.72 6.05 -3.42
C ALA B 118 4.87 5.93 -4.68
N ASN B 119 3.76 6.66 -4.70
CA ASN B 119 3.01 6.82 -5.94
C ASN B 119 3.63 7.96 -6.73
N ILE B 120 3.95 7.68 -7.99
CA ILE B 120 4.72 8.58 -8.82
C ILE B 120 3.93 8.90 -10.09
N HIS B 121 3.85 10.19 -10.41
CA HIS B 121 3.25 10.64 -11.65
C HIS B 121 4.38 10.90 -12.62
N ILE B 122 4.39 10.15 -13.72
CA ILE B 122 5.41 10.33 -14.74
C ILE B 122 4.70 10.60 -16.07
N TYR B 123 4.88 11.82 -16.56
CA TYR B 123 4.11 12.31 -17.72
C TYR B 123 2.63 11.99 -17.48
N ASP B 124 1.98 11.28 -18.40
CA ASP B 124 0.54 11.04 -18.28
C ASP B 124 0.11 9.79 -17.49
N THR B 125 1.05 9.22 -16.75
CA THR B 125 0.80 7.97 -16.03
C THR B 125 1.12 8.11 -14.55
N GLU B 126 0.23 7.60 -13.70
CA GLU B 126 0.55 7.44 -12.29
CA GLU B 126 0.55 7.44 -12.29
C GLU B 126 0.79 5.96 -12.01
N LYS B 127 1.91 5.67 -11.38
CA LYS B 127 2.28 4.31 -11.03
C LYS B 127 2.67 4.18 -9.57
N LYS B 128 2.31 3.07 -9.00
CA LYS B 128 2.80 2.74 -7.69
C LYS B 128 4.21 2.25 -7.85
N MET B 129 5.13 2.90 -7.18
CA MET B 129 6.54 2.60 -7.32
C MET B 129 7.19 2.45 -5.95
N VAL B 130 8.49 2.19 -5.95
CA VAL B 130 9.28 2.40 -4.74
C VAL B 130 10.36 3.44 -5.00
N GLU B 131 10.78 4.10 -3.93
CA GLU B 131 11.95 4.97 -4.00
C GLU B 131 13.10 4.22 -3.34
N ILE B 132 14.20 4.09 -4.07
CA ILE B 132 15.38 3.38 -3.58
C ILE B 132 16.41 4.38 -3.09
N ASN B 133 16.92 4.14 -1.88
CA ASN B 133 17.82 5.07 -1.24
C ASN B 133 18.75 4.34 -0.28
N PHE B 134 19.80 5.04 0.15
CA PHE B 134 20.71 4.57 1.17
C PHE B 134 21.46 3.30 0.80
N LEU B 135 21.68 3.11 -0.51
CA LEU B 135 22.57 2.06 -0.98
C LEU B 135 23.97 2.39 -0.45
N CYS B 136 24.53 1.46 0.30
CA CYS B 136 25.80 1.68 0.95
C CYS B 136 26.54 0.37 1.16
N VAL B 137 27.79 0.35 0.74
CA VAL B 137 28.68 -0.76 1.00
C VAL B 137 29.87 -0.23 1.82
N HIS B 138 30.23 -0.96 2.87
CA HIS B 138 31.34 -0.58 3.75
C HIS B 138 32.61 -0.34 2.93
N LYS B 139 33.40 0.66 3.34
CA LYS B 139 34.62 1.05 2.61
C LYS B 139 35.55 -0.11 2.32
N LYS B 140 35.71 -1.04 3.24
CA LYS B 140 36.63 -2.17 3.01
C LYS B 140 35.99 -3.33 2.22
N LEU B 141 34.72 -3.17 1.87
CA LEU B 141 34.00 -4.15 1.07
C LEU B 141 33.79 -3.62 -0.35
N ARG B 142 34.36 -2.45 -0.65
CA ARG B 142 34.14 -1.78 -1.94
C ARG B 142 34.77 -2.52 -3.11
N SER B 143 34.15 -2.37 -4.28
CA SER B 143 34.63 -2.92 -5.55
C SER B 143 34.68 -4.46 -5.57
N LYS B 144 33.82 -5.07 -4.76
CA LYS B 144 33.71 -6.53 -4.69
C LYS B 144 32.37 -7.01 -5.25
N ARG B 145 31.72 -6.13 -6.02
CA ARG B 145 30.46 -6.44 -6.70
C ARG B 145 29.31 -6.81 -5.76
N VAL B 146 29.32 -6.22 -4.56
CA VAL B 146 28.24 -6.38 -3.60
C VAL B 146 27.03 -5.53 -4.01
N ALA B 147 27.28 -4.35 -4.59
CA ALA B 147 26.17 -3.47 -4.98
C ALA B 147 25.16 -4.09 -5.96
N PRO B 148 25.64 -4.78 -7.03
CA PRO B 148 24.66 -5.44 -7.91
C PRO B 148 23.79 -6.44 -7.16
N VAL B 149 24.34 -7.12 -6.15
CA VAL B 149 23.58 -8.10 -5.38
C VAL B 149 22.51 -7.41 -4.54
N LEU B 150 22.91 -6.32 -3.86
CA LEU B 150 21.97 -5.50 -3.11
C LEU B 150 20.83 -4.98 -4.00
N ILE B 151 21.16 -4.55 -5.22
CA ILE B 151 20.14 -4.04 -6.13
C ILE B 151 19.20 -5.15 -6.61
N ARG B 152 19.75 -6.30 -6.98
CA ARG B 152 18.91 -7.42 -7.40
C ARG B 152 18.02 -7.91 -6.26
N GLU B 153 18.54 -7.89 -5.05
CA GLU B 153 17.78 -8.42 -3.92
C GLU B 153 16.65 -7.50 -3.52
N ILE B 154 16.90 -6.20 -3.49
CA ILE B 154 15.79 -5.27 -3.24
C ILE B 154 14.74 -5.32 -4.36
N THR B 155 15.19 -5.50 -5.60
CA THR B 155 14.28 -5.67 -6.73
C THR B 155 13.35 -6.85 -6.52
N ARG B 156 13.93 -7.98 -6.11
CA ARG B 156 13.16 -9.20 -5.84
C ARG B 156 12.15 -8.97 -4.73
N ARG B 157 12.59 -8.30 -3.66
CA ARG B 157 11.71 -8.10 -2.51
C ARG B 157 10.58 -7.12 -2.83
N VAL B 158 10.84 -6.20 -3.74
CA VAL B 158 9.81 -5.27 -4.21
C VAL B 158 8.84 -5.97 -5.15
N HIS B 159 9.38 -6.80 -6.05
CA HIS B 159 8.54 -7.60 -6.95
C HIS B 159 7.57 -8.48 -6.18
N LEU B 160 8.00 -9.03 -5.06
CA LEU B 160 7.12 -9.89 -4.27
C LEU B 160 5.87 -9.17 -3.80
N GLU B 161 5.98 -7.84 -3.65
CA GLU B 161 4.87 -7.01 -3.21
C GLU B 161 4.06 -6.44 -4.38
N GLY B 162 4.37 -6.91 -5.59
CA GLY B 162 3.59 -6.56 -6.78
C GLY B 162 3.91 -5.21 -7.39
N ILE B 163 5.11 -4.70 -7.08
CA ILE B 163 5.58 -3.41 -7.59
CA ILE B 163 5.57 -3.42 -7.60
C ILE B 163 6.72 -3.67 -8.56
N PHE B 164 6.67 -3.03 -9.74
CA PHE B 164 7.60 -3.33 -10.82
C PHE B 164 8.31 -2.11 -11.39
N GLN B 165 8.11 -0.97 -10.76
CA GLN B 165 8.81 0.27 -11.14
C GLN B 165 9.45 0.91 -9.91
N ALA B 166 10.54 1.64 -10.12
CA ALA B 166 11.19 2.36 -9.04
C ALA B 166 11.73 3.69 -9.54
N VAL B 167 11.94 4.62 -8.61
CA VAL B 167 12.62 5.88 -8.90
C VAL B 167 13.81 5.98 -7.95
N TYR B 168 14.91 6.54 -8.44
CA TYR B 168 16.11 6.68 -7.63
C TYR B 168 16.96 7.79 -8.22
N THR B 169 17.81 8.37 -7.39
CA THR B 169 18.79 9.36 -7.85
C THR B 169 20.19 8.88 -7.51
N ALA B 170 21.17 9.29 -8.32
CA ALA B 170 22.58 9.03 -8.01
C ALA B 170 23.44 10.14 -8.56
N GLY B 171 24.62 10.32 -7.97
CA GLY B 171 25.62 11.28 -8.45
C GLY B 171 26.43 10.76 -9.63
N VAL B 172 26.25 9.48 -9.93
CA VAL B 172 26.96 8.85 -11.04
C VAL B 172 26.04 8.68 -12.26
N VAL B 173 26.65 8.60 -13.44
CA VAL B 173 25.93 8.40 -14.69
C VAL B 173 25.76 6.90 -14.96
N LEU B 174 24.50 6.48 -15.02
CA LEU B 174 24.13 5.09 -15.31
C LEU B 174 23.11 5.10 -16.45
N PRO B 175 22.90 3.95 -17.12
CA PRO B 175 21.78 3.92 -18.07
C PRO B 175 20.44 3.99 -17.31
N LYS B 176 19.55 4.94 -17.61
CA LYS B 176 19.81 6.17 -18.37
C LYS B 176 19.02 7.26 -17.65
N PRO B 177 19.65 8.41 -17.38
CA PRO B 177 18.95 9.47 -16.64
C PRO B 177 17.70 9.94 -17.37
N VAL B 178 16.59 10.06 -16.63
CA VAL B 178 15.38 10.69 -17.15
C VAL B 178 15.44 12.21 -16.96
N GLY B 179 16.34 12.65 -16.10
CA GLY B 179 16.58 14.06 -15.85
C GLY B 179 17.89 14.27 -15.16
N THR B 180 18.53 15.41 -15.42
CA THR B 180 19.81 15.72 -14.81
C THR B 180 19.71 17.07 -14.11
N CYS B 181 19.96 17.07 -12.81
CA CYS B 181 19.90 18.27 -11.99
C CYS B 181 21.28 18.65 -11.45
N ARG B 182 21.41 19.90 -11.00
CA ARG B 182 22.64 20.42 -10.41
C ARG B 182 22.32 20.95 -9.02
N TYR B 183 23.16 20.65 -8.03
CA TYR B 183 23.03 21.29 -6.73
C TYR B 183 23.65 22.67 -6.75
N TRP B 184 22.96 23.61 -6.13
CA TRP B 184 23.46 24.95 -5.88
C TRP B 184 23.52 25.17 -4.37
N HIS B 185 24.41 26.02 -3.94
CA HIS B 185 24.63 26.28 -2.51
CA HIS B 185 24.51 26.30 -2.56
C HIS B 185 24.49 27.78 -2.26
N ARG B 186 23.92 28.12 -1.13
CA ARG B 186 23.82 29.50 -0.67
C ARG B 186 24.42 29.65 0.69
N SER B 187 25.48 30.37 0.77
CA SER B 187 26.23 30.56 2.01
CA SER B 187 26.18 30.49 1.98
C SER B 187 25.38 31.31 2.98
N LEU B 188 25.28 30.82 4.21
CA LEU B 188 24.58 31.50 5.29
C LEU B 188 25.57 31.94 6.35
N ASN B 189 26.55 31.10 6.64
CA ASN B 189 27.63 31.39 7.58
C ASN B 189 28.99 31.29 6.89
N PRO B 190 29.35 32.32 6.08
CA PRO B 190 30.57 32.25 5.27
C PRO B 190 31.85 32.04 6.06
N ARG B 191 31.95 32.65 7.24
CA ARG B 191 33.14 32.47 8.08
C ARG B 191 33.41 31.00 8.37
N LYS B 192 32.37 30.25 8.75
CA LYS B 192 32.51 28.82 9.03
C LYS B 192 32.79 28.01 7.77
N LEU B 193 32.08 28.31 6.68
CA LEU B 193 32.27 27.61 5.41
C LEU B 193 33.69 27.73 4.87
N ILE B 194 34.28 28.91 5.06
CA ILE B 194 35.65 29.18 4.62
C ILE B 194 36.68 28.45 5.51
N GLU B 195 36.44 28.45 6.83
CA GLU B 195 37.37 27.80 7.76
C GLU B 195 37.38 26.26 7.62
N VAL B 196 36.24 25.68 7.25
CA VAL B 196 36.16 24.23 7.02
C VAL B 196 36.46 23.87 5.56
N LYS B 197 36.81 24.89 4.78
CA LYS B 197 37.20 24.75 3.36
C LYS B 197 36.07 24.23 2.46
N PHE B 198 34.82 24.41 2.91
CA PHE B 198 33.65 24.21 2.06
C PHE B 198 33.69 25.26 0.95
N SER B 199 33.97 26.50 1.36
CA SER B 199 34.12 27.62 0.46
C SER B 199 35.53 28.18 0.57
N HIS B 200 35.93 28.95 -0.44
CA HIS B 200 37.18 29.71 -0.39
C HIS B 200 36.89 31.17 -0.73
N LEU B 201 37.71 32.07 -0.20
CA LEU B 201 37.61 33.49 -0.54
C LEU B 201 37.88 33.71 -2.03
N SER B 202 36.96 34.40 -2.69
CA SER B 202 37.10 34.73 -4.11
C SER B 202 38.36 35.59 -4.35
N ARG B 203 38.79 35.66 -5.59
CA ARG B 203 40.08 36.26 -5.94
C ARG B 203 40.33 37.64 -5.31
N ASN B 204 39.49 38.61 -5.63
CA ASN B 204 39.63 39.96 -5.07
C ASN B 204 38.63 40.22 -3.94
N MET B 205 38.50 39.25 -3.04
CA MET B 205 37.51 39.30 -1.97
C MET B 205 38.14 39.10 -0.59
N THR B 206 37.72 39.93 0.36
CA THR B 206 38.11 39.78 1.77
C THR B 206 36.99 39.06 2.52
N MET B 207 37.28 38.64 3.76
CA MET B 207 36.27 38.05 4.62
C MET B 207 35.15 39.05 4.92
N GLN B 208 35.53 40.32 5.11
CA GLN B 208 34.59 41.41 5.37
C GLN B 208 33.62 41.61 4.21
N ARG B 209 34.14 41.59 2.98
CA ARG B 209 33.31 41.76 1.78
C ARG B 209 32.37 40.56 1.58
N THR B 210 32.88 39.37 1.91
CA THR B 210 32.12 38.12 1.78
C THR B 210 30.92 38.08 2.73
N MET B 211 31.17 38.42 4.00
CA MET B 211 30.11 38.46 5.01
C MET B 211 29.07 39.52 4.69
N LYS B 212 29.52 40.61 4.06
CA LYS B 212 28.63 41.67 3.58
C LYS B 212 27.73 41.17 2.45
N LEU B 213 28.34 40.51 1.46
CA LEU B 213 27.61 39.98 0.31
C LEU B 213 26.49 39.03 0.73
N TYR B 214 26.78 38.20 1.72
CA TYR B 214 25.87 37.12 2.11
C TYR B 214 24.96 37.43 3.30
N ARG B 215 25.08 38.64 3.85
CA ARG B 215 24.28 39.04 5.00
C ARG B 215 22.78 39.01 4.70
N LEU B 216 21.99 38.54 5.65
CA LEU B 216 20.54 38.42 5.49
C LEU B 216 19.81 39.18 6.60
N PRO B 217 18.55 39.57 6.35
CA PRO B 217 17.69 40.12 7.39
C PRO B 217 17.55 39.16 8.57
N GLU B 218 17.27 39.71 9.75
CA GLU B 218 17.16 38.91 10.97
C GLU B 218 15.84 38.16 11.06
N THR B 219 14.82 38.67 10.37
CA THR B 219 13.49 38.09 10.38
C THR B 219 12.92 38.04 8.95
N PRO B 220 12.06 37.04 8.67
CA PRO B 220 11.43 36.97 7.36
C PRO B 220 10.50 38.17 7.11
N LYS B 221 10.26 38.48 5.84
CA LYS B 221 9.45 39.65 5.49
C LYS B 221 8.02 39.34 5.05
N THR B 222 7.75 38.10 4.65
CA THR B 222 6.40 37.75 4.17
C THR B 222 5.38 37.79 5.30
N ALA B 223 4.34 38.61 5.10
CA ALA B 223 3.22 38.71 6.02
C ALA B 223 2.58 37.35 6.26
N GLY B 224 2.46 36.99 7.54
CA GLY B 224 1.69 35.80 7.93
C GLY B 224 2.44 34.49 7.82
N LEU B 225 3.76 34.56 7.67
CA LEU B 225 4.59 33.37 7.65
C LEU B 225 4.71 32.79 9.06
N ARG B 226 4.44 31.49 9.17
CA ARG B 226 4.48 30.81 10.47
C ARG B 226 4.72 29.32 10.25
N PRO B 227 5.22 28.61 11.28
CA PRO B 227 5.37 27.17 11.13
C PRO B 227 4.04 26.47 10.82
N MET B 228 4.13 25.45 9.97
CA MET B 228 2.99 24.58 9.69
C MET B 228 2.51 23.92 10.98
N GLU B 229 1.18 23.84 11.13
CA GLU B 229 0.56 23.15 12.25
C GLU B 229 -0.36 22.06 11.73
N THR B 230 -0.88 21.25 12.65
CA THR B 230 -1.77 20.16 12.29
C THR B 230 -2.94 20.62 11.43
N LYS B 231 -3.52 21.77 11.78
CA LYS B 231 -4.69 22.31 11.08
C LYS B 231 -4.41 22.63 9.62
N ASP B 232 -3.12 22.73 9.28
CA ASP B 232 -2.69 23.09 7.92
C ASP B 232 -2.48 21.88 7.02
N ILE B 233 -2.56 20.68 7.57
CA ILE B 233 -2.27 19.48 6.77
C ILE B 233 -3.12 19.38 5.50
N PRO B 234 -4.46 19.59 5.59
CA PRO B 234 -5.27 19.47 4.37
C PRO B 234 -4.93 20.51 3.32
N VAL B 235 -4.74 21.76 3.72
CA VAL B 235 -4.44 22.81 2.75
C VAL B 235 -3.05 22.66 2.12
N VAL B 236 -2.07 22.22 2.90
CA VAL B 236 -0.73 21.95 2.36
C VAL B 236 -0.83 20.85 1.31
N HIS B 237 -1.62 19.83 1.60
CA HIS B 237 -1.88 18.74 0.65
C HIS B 237 -2.54 19.27 -0.64
N GLN B 238 -3.57 20.10 -0.50
CA GLN B 238 -4.26 20.70 -1.64
C GLN B 238 -3.31 21.56 -2.47
N LEU B 239 -2.55 22.41 -1.79
CA LEU B 239 -1.61 23.31 -2.47
C LEU B 239 -0.54 22.55 -3.24
N LEU B 240 0.05 21.55 -2.58
CA LEU B 240 1.11 20.76 -3.20
C LEU B 240 0.58 20.01 -4.43
N THR B 241 -0.58 19.39 -4.30
CA THR B 241 -1.14 18.60 -5.40
C THR B 241 -1.39 19.46 -6.65
N ARG B 242 -1.98 20.64 -6.46
CA ARG B 242 -2.23 21.52 -7.62
C ARG B 242 -0.92 22.02 -8.23
N TYR B 243 0.03 22.37 -7.36
CA TYR B 243 1.30 22.93 -7.81
C TYR B 243 2.11 21.94 -8.63
N LEU B 244 2.05 20.66 -8.26
CA LEU B 244 2.89 19.66 -8.91
C LEU B 244 2.42 19.27 -10.32
N LYS B 245 1.19 19.64 -10.66
CA LYS B 245 0.63 19.28 -11.97
C LYS B 245 1.44 19.81 -13.17
N GLN B 246 2.18 20.90 -12.94
CA GLN B 246 2.94 21.53 -14.02
C GLN B 246 4.23 20.79 -14.40
N PHE B 247 4.66 19.85 -13.56
CA PHE B 247 5.91 19.11 -13.79
C PHE B 247 5.63 17.72 -14.35
N HIS B 248 6.67 17.04 -14.84
CA HIS B 248 6.49 15.76 -15.52
C HIS B 248 6.89 14.53 -14.70
N LEU B 249 7.60 14.74 -13.60
CA LEU B 249 7.96 13.66 -12.68
C LEU B 249 7.70 14.18 -11.29
N THR B 250 6.64 13.68 -10.65
CA THR B 250 6.23 14.20 -9.35
C THR B 250 5.73 13.10 -8.44
N PRO B 251 5.75 13.34 -7.10
CA PRO B 251 5.08 12.39 -6.23
C PRO B 251 3.57 12.65 -6.21
N VAL B 252 2.82 11.63 -5.83
CA VAL B 252 1.39 11.77 -5.58
C VAL B 252 1.22 11.36 -4.13
N MET B 253 1.04 12.33 -3.26
CA MET B 253 0.97 12.07 -1.83
C MET B 253 -0.45 12.07 -1.30
N SER B 254 -0.74 11.12 -0.41
CA SER B 254 -1.98 11.14 0.36
C SER B 254 -1.86 12.21 1.42
N GLN B 255 -2.98 12.52 2.07
CA GLN B 255 -2.93 13.47 3.19
C GLN B 255 -2.05 12.95 4.33
N GLU B 256 -2.09 11.64 4.57
CA GLU B 256 -1.22 11.01 5.56
C GLU B 256 0.27 11.14 5.20
N GLU B 257 0.58 10.98 3.92
CA GLU B 257 1.95 11.18 3.43
C GLU B 257 2.40 12.63 3.59
N VAL B 258 1.50 13.56 3.29
CA VAL B 258 1.79 14.99 3.46
C VAL B 258 2.12 15.30 4.92
N GLU B 259 1.31 14.77 5.84
CA GLU B 259 1.60 14.92 7.27
C GLU B 259 3.00 14.39 7.58
N HIS B 260 3.32 13.20 7.08
CA HIS B 260 4.63 12.62 7.38
C HIS B 260 5.79 13.47 6.86
N TRP B 261 5.69 13.87 5.60
CA TRP B 261 6.82 14.53 4.93
C TRP B 261 6.97 16.00 5.29
N PHE B 262 5.90 16.62 5.78
CA PHE B 262 5.94 18.08 5.99
C PHE B 262 5.74 18.56 7.41
N TYR B 263 5.09 17.79 8.26
CA TYR B 263 4.84 18.26 9.62
C TYR B 263 6.17 18.50 10.31
N PRO B 264 6.39 19.72 10.83
CA PRO B 264 7.71 20.06 11.33
C PRO B 264 8.20 19.13 12.44
N GLN B 265 9.45 18.71 12.31
CA GLN B 265 10.15 17.94 13.34
C GLN B 265 11.51 18.58 13.51
N GLU B 266 11.81 19.04 14.72
CA GLU B 266 13.06 19.76 14.96
C GLU B 266 14.25 18.94 14.50
N ASN B 267 15.14 19.60 13.75
CA ASN B 267 16.37 19.00 13.22
C ASN B 267 16.14 17.90 12.19
N ILE B 268 14.95 17.88 11.62
CA ILE B 268 14.66 16.94 10.55
C ILE B 268 14.00 17.68 9.38
N ILE B 269 12.83 18.26 9.64
CA ILE B 269 12.04 18.89 8.61
C ILE B 269 11.38 20.16 9.11
N ASP B 270 11.54 21.22 8.34
CA ASP B 270 10.88 22.49 8.62
C ASP B 270 9.92 22.85 7.50
N THR B 271 8.70 23.24 7.89
CA THR B 271 7.72 23.74 6.93
C THR B 271 7.09 24.98 7.52
N PHE B 272 7.04 26.02 6.69
CA PHE B 272 6.41 27.28 7.06
C PHE B 272 5.34 27.60 6.03
N VAL B 273 4.17 28.00 6.51
CA VAL B 273 3.06 28.36 5.64
C VAL B 273 2.83 29.85 5.68
N VAL B 274 2.23 30.39 4.62
CA VAL B 274 1.79 31.79 4.64
C VAL B 274 0.29 31.81 4.86
N GLU B 275 -0.13 32.32 6.01
CA GLU B 275 -1.55 32.52 6.30
C GLU B 275 -1.87 33.99 6.18
N ASN B 276 -2.74 34.34 5.23
CA ASN B 276 -3.00 35.75 4.93
C ASN B 276 -3.97 36.41 5.90
N ALA B 277 -4.35 37.64 5.58
CA ALA B 277 -5.19 38.47 6.44
C ALA B 277 -6.61 37.92 6.56
N ASN B 278 -6.92 37.00 5.68
CA ASN B 278 -8.22 36.34 5.70
C ASN B 278 -8.16 34.98 6.39
N GLY B 279 -6.99 34.60 6.83
CA GLY B 279 -6.80 33.31 7.47
C GLY B 279 -6.60 32.16 6.50
N GLU B 280 -6.39 32.51 5.22
CA GLU B 280 -6.22 31.51 4.16
C GLU B 280 -4.74 31.19 4.01
N VAL B 281 -4.41 29.91 3.99
CA VAL B 281 -3.04 29.48 3.69
C VAL B 281 -2.86 29.44 2.18
N THR B 282 -1.92 30.22 1.67
CA THR B 282 -1.77 30.45 0.23
C THR B 282 -0.45 29.94 -0.34
N ASP B 283 0.55 29.75 0.53
CA ASP B 283 1.89 29.36 0.09
C ASP B 283 2.54 28.54 1.20
N PHE B 284 3.56 27.77 0.84
CA PHE B 284 4.43 27.20 1.86
C PHE B 284 5.83 26.94 1.34
N LEU B 285 6.77 26.92 2.27
CA LEU B 285 8.16 26.59 1.98
C LEU B 285 8.59 25.46 2.92
N SER B 286 9.54 24.64 2.48
CA SER B 286 10.04 23.59 3.34
C SER B 286 11.48 23.24 3.03
N PHE B 287 12.19 22.77 4.05
CA PHE B 287 13.57 22.33 3.90
C PHE B 287 13.90 21.33 4.96
N TYR B 288 14.72 20.33 4.60
CA TYR B 288 15.14 19.33 5.58
C TYR B 288 16.56 19.56 6.05
N THR B 289 16.86 18.95 7.19
CA THR B 289 18.13 19.13 7.90
C THR B 289 19.04 17.94 7.63
N LEU B 290 20.19 18.19 7.05
CA LEU B 290 21.14 17.13 6.81
C LEU B 290 22.57 17.63 7.00
N PRO B 291 23.14 17.42 8.19
CA PRO B 291 24.51 17.86 8.43
C PRO B 291 25.52 16.97 7.72
N SER B 292 26.73 17.49 7.52
CA SER B 292 27.82 16.71 6.96
C SER B 292 29.00 16.70 7.91
N THR B 293 29.57 15.51 8.11
CA THR B 293 30.79 15.35 8.90
C THR B 293 31.94 16.05 8.19
N ILE B 294 32.75 16.79 8.95
CA ILE B 294 33.99 17.34 8.45
C ILE B 294 35.02 16.21 8.49
N MET B 295 35.26 15.60 7.34
CA MET B 295 36.26 14.54 7.22
C MET B 295 37.61 15.16 7.52
N HIS B 300 35.02 17.60 15.61
CA HIS B 300 34.49 18.92 15.29
C HIS B 300 33.01 18.85 14.95
N LYS B 301 32.25 19.88 15.34
CA LYS B 301 30.84 19.99 15.01
C LYS B 301 30.60 19.89 13.51
N SER B 302 29.56 19.14 13.12
CA SER B 302 29.22 18.95 11.72
C SER B 302 28.89 20.27 11.02
N LEU B 303 29.06 20.30 9.70
CA LEU B 303 28.58 21.39 8.89
C LEU B 303 27.06 21.24 8.81
N LYS B 304 26.32 22.26 9.24
CA LYS B 304 24.87 22.18 9.25
C LYS B 304 24.26 22.74 7.97
N ALA B 305 23.66 21.85 7.19
CA ALA B 305 23.12 22.19 5.88
C ALA B 305 21.61 22.01 5.86
N ALA B 306 20.93 22.95 5.23
CA ALA B 306 19.51 22.82 4.93
C ALA B 306 19.35 22.48 3.46
N TYR B 307 18.36 21.64 3.15
CA TYR B 307 18.07 21.26 1.78
C TYR B 307 16.66 21.64 1.43
N SER B 308 16.52 22.47 0.39
CA SER B 308 15.21 22.85 -0.14
C SER B 308 14.42 21.59 -0.48
N PHE B 309 13.14 21.58 -0.07
CA PHE B 309 12.31 20.40 -0.23
C PHE B 309 11.23 20.73 -1.25
N TYR B 310 10.01 21.04 -0.80
CA TYR B 310 8.98 21.52 -1.72
C TYR B 310 8.54 22.90 -1.33
N ASN B 311 8.49 23.77 -2.33
CA ASN B 311 8.11 25.17 -2.13
C ASN B 311 6.97 25.52 -3.09
N VAL B 312 5.83 25.87 -2.51
CA VAL B 312 4.63 26.11 -3.30
C VAL B 312 4.19 27.55 -3.14
N HIS B 313 4.02 28.24 -4.26
CA HIS B 313 3.58 29.62 -4.26
C HIS B 313 2.32 29.77 -5.09
N THR B 314 1.33 30.51 -4.57
CA THR B 314 0.13 30.86 -5.34
C THR B 314 -0.18 32.37 -5.27
N GLN B 315 0.30 33.03 -4.22
CA GLN B 315 0.03 34.47 -4.02
C GLN B 315 1.24 35.28 -3.55
N THR B 316 2.24 34.58 -3.01
CA THR B 316 3.51 35.18 -2.64
C THR B 316 4.51 34.80 -3.74
N PRO B 317 5.27 35.77 -4.27
CA PRO B 317 6.25 35.38 -5.29
C PRO B 317 7.25 34.36 -4.75
N LEU B 318 7.63 33.40 -5.58
CA LEU B 318 8.60 32.38 -5.19
C LEU B 318 9.90 33.00 -4.67
N LEU B 319 10.33 34.08 -5.33
CA LEU B 319 11.56 34.77 -4.95
C LEU B 319 11.51 35.25 -3.50
N ASP B 320 10.36 35.79 -3.09
CA ASP B 320 10.15 36.24 -1.71
C ASP B 320 10.10 35.06 -0.75
N LEU B 321 9.37 34.02 -1.12
CA LEU B 321 9.28 32.81 -0.29
C LEU B 321 10.66 32.24 0.00
N MET B 322 11.51 32.17 -1.04
CA MET B 322 12.83 31.58 -0.88
C MET B 322 13.80 32.48 -0.11
N SER B 323 13.64 33.79 -0.26
CA SER B 323 14.42 34.73 0.54
C SER B 323 14.13 34.50 2.02
N ASP B 324 12.86 34.29 2.34
CA ASP B 324 12.46 33.98 3.70
C ASP B 324 12.96 32.62 4.19
N ALA B 325 13.01 31.64 3.28
CA ALA B 325 13.58 30.32 3.61
C ALA B 325 15.03 30.46 4.06
N LEU B 326 15.78 31.30 3.34
CA LEU B 326 17.17 31.57 3.68
C LEU B 326 17.31 32.23 5.05
N VAL B 327 16.43 33.20 5.32
CA VAL B 327 16.42 33.91 6.61
C VAL B 327 16.09 32.94 7.74
N LEU B 328 15.10 32.09 7.53
CA LEU B 328 14.71 31.12 8.55
C LEU B 328 15.82 30.10 8.82
N ALA B 329 16.44 29.61 7.75
CA ALA B 329 17.55 28.67 7.91
C ALA B 329 18.70 29.31 8.68
N LYS B 330 19.03 30.56 8.36
CA LYS B 330 20.08 31.29 9.07
C LYS B 330 19.74 31.42 10.55
N MET B 331 18.49 31.80 10.86
CA MET B 331 17.99 31.91 12.23
C MET B 331 18.14 30.60 13.00
N LYS B 332 17.94 29.49 12.31
CA LYS B 332 18.01 28.16 12.94
C LYS B 332 19.44 27.63 13.06
N GLY B 333 20.42 28.43 12.63
CA GLY B 333 21.82 28.07 12.79
C GLY B 333 22.42 27.23 11.68
N PHE B 334 21.76 27.17 10.53
CA PHE B 334 22.35 26.50 9.36
C PHE B 334 23.50 27.32 8.79
N ASP B 335 24.50 26.61 8.26
CA ASP B 335 25.69 27.25 7.69
C ASP B 335 25.54 27.46 6.19
N VAL B 336 24.74 26.60 5.56
CA VAL B 336 24.55 26.62 4.12
C VAL B 336 23.14 26.12 3.78
N PHE B 337 22.57 26.68 2.71
CA PHE B 337 21.26 26.28 2.22
C PHE B 337 21.45 25.71 0.83
N ASN B 338 21.00 24.48 0.63
CA ASN B 338 21.17 23.79 -0.63
C ASN B 338 19.88 23.64 -1.42
N ALA B 339 19.96 23.84 -2.72
CA ALA B 339 18.81 23.64 -3.61
C ALA B 339 19.25 23.11 -4.96
N LEU B 340 18.38 22.30 -5.57
CA LEU B 340 18.61 21.81 -6.93
C LEU B 340 18.03 22.79 -7.93
N ASP B 341 18.41 22.64 -9.20
CA ASP B 341 17.90 23.49 -10.26
C ASP B 341 16.59 22.97 -10.87
N LEU B 342 15.88 22.11 -10.14
CA LEU B 342 14.62 21.56 -10.63
C LEU B 342 13.43 22.47 -10.33
N MET B 343 12.25 22.01 -10.72
CA MET B 343 11.01 22.80 -10.64
C MET B 343 11.25 24.22 -11.16
N GLU B 344 10.83 25.24 -10.41
CA GLU B 344 11.03 26.62 -10.85
C GLU B 344 12.27 27.24 -10.23
N ASN B 345 13.16 26.41 -9.70
CA ASN B 345 14.27 26.89 -8.88
C ASN B 345 15.22 27.83 -9.62
N LYS B 346 15.42 27.62 -10.92
CA LYS B 346 16.31 28.49 -11.70
C LYS B 346 15.86 29.96 -11.68
N THR B 347 14.58 30.19 -11.37
CA THR B 347 14.05 31.56 -11.33
C THR B 347 14.57 32.37 -10.14
N PHE B 348 15.15 31.70 -9.15
CA PHE B 348 15.64 32.39 -7.95
C PHE B 348 17.11 32.14 -7.57
N LEU B 349 17.72 31.08 -8.10
CA LEU B 349 19.05 30.67 -7.62
C LEU B 349 20.09 31.78 -7.72
N GLU B 350 20.27 32.31 -8.93
CA GLU B 350 21.24 33.39 -9.14
C GLU B 350 20.84 34.69 -8.44
N LYS B 351 19.55 35.03 -8.53
CA LYS B 351 19.02 36.25 -7.91
C LYS B 351 19.27 36.27 -6.41
N LEU B 352 19.20 35.10 -5.78
CA LEU B 352 19.43 34.98 -4.34
C LEU B 352 20.86 34.56 -3.97
N LYS B 353 21.79 34.69 -4.93
CA LYS B 353 23.22 34.51 -4.67
C LYS B 353 23.63 33.08 -4.36
N PHE B 354 22.88 32.11 -4.87
CA PHE B 354 23.34 30.73 -4.86
C PHE B 354 24.51 30.63 -5.84
N GLY B 355 25.45 29.76 -5.53
CA GLY B 355 26.54 29.41 -6.45
C GLY B 355 26.42 27.95 -6.82
N ILE B 356 26.74 27.62 -8.06
CA ILE B 356 26.61 26.25 -8.55
C ILE B 356 27.64 25.33 -7.89
N GLY B 357 27.20 24.12 -7.54
CA GLY B 357 28.07 23.12 -6.94
C GLY B 357 28.78 22.31 -8.00
N ASP B 358 29.63 21.40 -7.55
CA ASP B 358 30.31 20.47 -8.45
C ASP B 358 29.46 19.21 -8.61
N GLY B 359 29.49 18.61 -9.79
CA GLY B 359 28.78 17.36 -10.03
C GLY B 359 27.31 17.52 -10.36
N ASN B 360 26.65 16.38 -10.61
CA ASN B 360 25.26 16.37 -10.99
C ASN B 360 24.46 15.40 -10.13
N LEU B 361 23.15 15.60 -10.08
CA LEU B 361 22.24 14.62 -9.51
C LEU B 361 21.32 14.09 -10.63
N GLN B 362 21.53 12.83 -10.98
CA GLN B 362 20.75 12.21 -12.04
CA GLN B 362 20.77 12.18 -12.04
C GLN B 362 19.53 11.51 -11.47
N TYR B 363 18.40 11.68 -12.14
CA TYR B 363 17.14 11.04 -11.78
C TYR B 363 16.92 9.86 -12.70
N TYR B 364 16.46 8.75 -12.13
CA TYR B 364 16.31 7.50 -12.87
C TYR B 364 14.98 6.83 -12.58
N LEU B 365 14.47 6.11 -13.57
CA LEU B 365 13.38 5.18 -13.37
C LEU B 365 13.85 3.79 -13.72
N TYR B 366 13.39 2.81 -12.94
CA TYR B 366 13.63 1.40 -13.20
C TYR B 366 12.39 0.82 -13.87
N ASN B 367 12.61 0.15 -15.00
CA ASN B 367 11.53 -0.48 -15.75
C ASN B 367 10.43 0.48 -16.21
N TRP B 368 10.83 1.69 -16.56
CA TRP B 368 9.90 2.65 -17.15
C TRP B 368 10.65 3.53 -18.12
N LYS B 369 10.54 3.19 -19.38
CA LYS B 369 11.21 3.91 -20.46
C LYS B 369 10.30 5.05 -20.91
N CYS B 370 10.83 6.27 -20.89
CA CYS B 370 10.08 7.47 -21.25
C CYS B 370 11.06 8.54 -21.71
N PRO B 371 10.56 9.62 -22.36
CA PRO B 371 11.50 10.65 -22.80
C PRO B 371 12.18 11.33 -21.61
N SER B 372 13.44 11.70 -21.77
CA SER B 372 14.11 12.49 -20.75
C SER B 372 13.51 13.89 -20.72
N MET B 373 13.68 14.57 -19.59
CA MET B 373 13.13 15.91 -19.42
C MET B 373 14.17 16.86 -18.87
N GLY B 374 13.95 18.16 -19.08
CA GLY B 374 14.81 19.17 -18.50
C GLY B 374 14.61 19.22 -17.00
N ALA B 375 15.63 19.71 -16.29
CA ALA B 375 15.57 19.87 -14.83
C ALA B 375 14.30 20.59 -14.37
N GLU B 376 13.87 21.58 -15.12
CA GLU B 376 12.75 22.35 -14.68
C GLU B 376 11.40 21.62 -14.74
N LYS B 377 11.41 20.46 -15.35
CA LYS B 377 10.23 19.61 -15.41
C LYS B 377 10.23 18.51 -14.35
N VAL B 378 11.35 18.37 -13.64
CA VAL B 378 11.46 17.41 -12.56
C VAL B 378 10.83 18.05 -11.32
N GLY B 379 9.87 17.35 -10.70
CA GLY B 379 9.12 17.89 -9.56
C GLY B 379 9.12 16.90 -8.40
N LEU B 380 10.26 16.26 -8.21
CA LEU B 380 10.42 15.23 -7.21
C LEU B 380 11.73 15.47 -6.45
N VAL B 381 11.62 15.57 -5.14
CA VAL B 381 12.78 15.75 -4.26
C VAL B 381 12.82 14.61 -3.26
N LEU B 382 13.97 13.92 -3.23
CA LEU B 382 14.18 12.76 -2.37
C LEU B 382 15.21 13.10 -1.27
N GLN B 383 15.15 12.38 -0.16
CA GLN B 383 15.97 12.65 1.02
C GLN B 383 17.41 12.19 0.89
#